data_6WEG
#
_entry.id   6WEG
#
_cell.length_a   65.756
_cell.length_b   113.562
_cell.length_c   141.073
_cell.angle_alpha   90.000
_cell.angle_beta   90.000
_cell.angle_gamma   90.000
#
_symmetry.space_group_name_H-M   'P 21 21 21'
#
loop_
_entity.id
_entity.type
_entity.pdbx_description
1 polymer 'Stringent starvation protein A, regulator of transcription'
2 polymer MglA
3 polymer Peptide
4 non-polymer 'MAGNESIUM ION'
5 non-polymer "GUANOSINE-5',3'-TETRAPHOSPHATE"
#
loop_
_entity_poly.entity_id
_entity_poly.type
_entity_poly.pdbx_seq_one_letter_code
_entity_poly.pdbx_strand_id
1 'polypeptide(L)'
;SNAMVTLYTTKYCPYSLRARIALAEKKMSTDIVEAGDLEPAMIKKITPNGVFPVLMEKDYSINNRKALLIYIDERFPAPS
LLPNVVNERIKIRLSLDKIDNEWYPVLDQIRKHRSDQKMLESMFKDLKESLLAMEKAFTGSEFFISSGFTLADCYIAALI
ICLEAEGFIIDDEYGAIYEYKKRLFARDSVKKANIKGGAGESLLKTLRTHR
;
C,D
2 'polypeptide(L)'
;SNAMLLYTKKDDIYSDIVRMILLIKGANAKIVDVSKEENSKHLEELNIITPNGNIPTLSTDDFAVYRLSVIIEAIEDLYP
FPPMFPVFPKQRANARILLEYVNKTFLQNIIKLQSPDLDEKQANEIKMLMQRDIISTYKKIVSEREVNAESNPDAQNINV
LTLIITFVFYYFIKLKISIPTKDKNIIKEIKELLSEPNFIKTIK
;
A,B
3 'polypeptide(L)' KRNVFSRCWINMNLYSVIKAKS P
#
# COMPACT_ATOMS: atom_id res chain seq x y z
N ALA A 3 8.78 15.65 -48.09
CA ALA A 3 8.44 14.37 -47.47
C ALA A 3 8.54 14.43 -45.95
N MET A 4 7.56 15.05 -45.30
CA MET A 4 7.69 15.33 -43.87
C MET A 4 7.51 14.11 -42.92
N VAL A 5 6.37 13.43 -43.01
CA VAL A 5 6.11 12.31 -42.11
C VAL A 5 5.36 11.21 -42.84
N THR A 6 5.86 9.98 -42.69
CA THR A 6 5.26 8.82 -43.32
C THR A 6 4.53 7.95 -42.32
N LEU A 7 3.40 7.38 -42.76
CA LEU A 7 2.65 6.43 -41.95
C LEU A 7 2.73 5.07 -42.59
N TYR A 8 3.17 4.08 -41.82
CA TYR A 8 3.21 2.71 -42.30
C TYR A 8 2.02 1.95 -41.76
N THR A 9 1.29 1.28 -42.64
CA THR A 9 0.02 0.70 -42.25
C THR A 9 -0.19 -0.74 -42.73
N THR A 10 -0.44 -1.64 -41.79
CA THR A 10 -0.87 -2.99 -42.13
C THR A 10 -2.30 -2.92 -42.69
N LYS A 11 -2.69 -3.95 -43.44
CA LYS A 11 -3.91 -3.90 -44.24
C LYS A 11 -5.21 -3.90 -43.43
N TYR A 12 -5.45 -4.98 -42.70
CA TYR A 12 -6.73 -5.25 -42.07
C TYR A 12 -7.04 -4.37 -40.85
N CYS A 13 -5.99 -3.93 -40.16
CA CYS A 13 -6.14 -3.12 -38.96
C CYS A 13 -7.32 -2.18 -39.03
N PRO A 14 -8.16 -2.18 -37.97
CA PRO A 14 -9.11 -1.09 -37.80
C PRO A 14 -8.32 0.08 -37.27
N TYR A 15 -7.19 -0.25 -36.65
CA TYR A 15 -6.30 0.74 -36.06
C TYR A 15 -5.58 1.58 -37.11
N SER A 16 -5.39 1.03 -38.30
CA SER A 16 -4.70 1.75 -39.36
C SER A 16 -5.63 2.63 -40.20
N LEU A 17 -6.91 2.25 -40.27
CA LEU A 17 -7.90 3.06 -40.96
C LEU A 17 -8.06 4.40 -40.25
N ARG A 18 -8.47 4.34 -38.99
CA ARG A 18 -8.81 5.53 -38.21
C ARG A 18 -7.66 6.52 -38.10
N ALA A 19 -6.45 6.07 -38.46
CA ALA A 19 -5.29 6.95 -38.41
C ALA A 19 -5.14 7.72 -39.72
N ARG A 20 -5.47 7.07 -40.83
CA ARG A 20 -5.43 7.70 -42.14
C ARG A 20 -6.59 8.66 -42.33
N ILE A 21 -7.64 8.49 -41.52
CA ILE A 21 -8.72 9.44 -41.50
C ILE A 21 -8.24 10.73 -40.84
N ALA A 22 -7.79 10.61 -39.59
CA ALA A 22 -7.36 11.77 -38.83
C ALA A 22 -6.24 12.53 -39.52
N LEU A 23 -5.43 11.80 -40.28
CA LEU A 23 -4.32 12.40 -41.01
C LEU A 23 -4.80 13.17 -42.23
N ALA A 24 -6.00 12.83 -42.70
CA ALA A 24 -6.63 13.53 -43.80
C ALA A 24 -7.25 14.86 -43.37
N GLU A 25 -8.05 14.81 -42.30
CA GLU A 25 -8.70 16.02 -41.79
C GLU A 25 -7.69 17.13 -41.52
N LYS A 26 -6.43 16.75 -41.37
CA LYS A 26 -5.37 17.71 -41.07
C LYS A 26 -4.77 18.25 -42.36
N LYS A 27 -5.14 17.63 -43.48
CA LYS A 27 -4.64 17.99 -44.80
C LYS A 27 -3.11 18.13 -44.79
N MET A 28 -2.47 17.20 -44.10
CA MET A 28 -1.01 17.16 -43.99
C MET A 28 -0.44 16.16 -45.00
N SER A 29 0.50 16.62 -45.81
CA SER A 29 1.15 15.76 -46.79
C SER A 29 2.03 14.72 -46.11
N THR A 30 1.52 13.50 -45.98
CA THR A 30 2.25 12.42 -45.35
C THR A 30 2.10 11.13 -46.15
N ASP A 31 3.23 10.54 -46.52
CA ASP A 31 3.22 9.33 -47.32
C ASP A 31 2.45 8.22 -46.63
N ILE A 32 2.02 7.22 -47.41
CA ILE A 32 1.33 6.07 -46.88
C ILE A 32 1.91 4.79 -47.47
N VAL A 33 2.53 3.98 -46.62
CA VAL A 33 3.21 2.77 -47.08
C VAL A 33 2.57 1.51 -46.50
N GLU A 34 2.74 0.40 -47.20
CA GLU A 34 2.26 -0.89 -46.73
C GLU A 34 3.40 -1.72 -46.15
N ALA A 35 3.19 -2.25 -44.95
CA ALA A 35 4.15 -3.16 -44.34
C ALA A 35 4.35 -4.36 -45.27
N GLY A 36 3.27 -4.77 -45.92
CA GLY A 36 3.27 -5.93 -46.80
C GLY A 36 3.82 -5.63 -48.18
N ASP A 37 4.42 -4.45 -48.33
CA ASP A 37 5.09 -4.10 -49.58
C ASP A 37 6.49 -3.61 -49.26
N LEU A 38 7.04 -4.07 -48.14
CA LEU A 38 8.41 -3.76 -47.78
C LEU A 38 9.19 -5.00 -47.39
N GLU A 39 10.37 -4.79 -46.79
CA GLU A 39 11.28 -5.88 -46.48
C GLU A 39 11.20 -6.28 -45.02
N PRO A 40 11.29 -7.58 -44.75
CA PRO A 40 11.34 -8.12 -43.38
C PRO A 40 12.49 -7.52 -42.57
N ALA A 41 13.32 -6.71 -43.23
CA ALA A 41 14.46 -6.08 -42.57
C ALA A 41 14.14 -4.67 -42.08
N MET A 42 13.55 -3.87 -42.97
CA MET A 42 13.17 -2.50 -42.63
C MET A 42 12.06 -2.51 -41.59
N ILE A 43 11.13 -3.46 -41.73
CA ILE A 43 10.05 -3.64 -40.78
C ILE A 43 10.57 -3.63 -39.35
N LYS A 44 11.67 -4.34 -39.13
CA LYS A 44 12.27 -4.45 -37.81
C LYS A 44 12.94 -3.14 -37.40
N LYS A 45 13.09 -2.24 -38.37
CA LYS A 45 13.78 -0.98 -38.14
C LYS A 45 12.82 0.17 -37.83
N ILE A 46 11.62 0.12 -38.39
CA ILE A 46 10.61 1.16 -38.18
C ILE A 46 9.76 0.86 -36.95
N THR A 47 9.51 -0.42 -36.71
CA THR A 47 8.74 -0.86 -35.56
C THR A 47 9.16 -2.27 -35.17
N PRO A 48 10.16 -2.37 -34.29
CA PRO A 48 10.72 -3.62 -33.77
C PRO A 48 9.67 -4.59 -33.24
N ASN A 49 8.71 -4.08 -32.46
CA ASN A 49 7.63 -4.91 -31.93
C ASN A 49 6.58 -5.22 -33.00
N GLY A 50 6.84 -4.78 -34.22
CA GLY A 50 5.98 -5.06 -35.36
C GLY A 50 4.58 -4.50 -35.24
N VAL A 51 4.43 -3.49 -34.40
CA VAL A 51 3.12 -2.87 -34.19
C VAL A 51 2.82 -1.81 -35.23
N PHE A 52 1.83 -2.08 -36.07
CA PHE A 52 1.35 -1.10 -37.05
C PHE A 52 -0.01 -0.57 -36.63
N PRO A 53 -0.31 0.69 -37.00
CA PRO A 53 0.52 1.52 -37.87
C PRO A 53 1.55 2.31 -37.08
N VAL A 54 2.60 2.77 -37.77
CA VAL A 54 3.65 3.57 -37.14
C VAL A 54 3.76 4.94 -37.80
N LEU A 55 4.13 5.95 -37.03
CA LEU A 55 4.26 7.31 -37.57
C LEU A 55 5.67 7.86 -37.43
N MET A 56 6.41 7.84 -38.52
CA MET A 56 7.80 8.29 -38.55
C MET A 56 7.92 9.76 -38.87
N GLU A 57 8.85 10.43 -38.20
CA GLU A 57 9.23 11.79 -38.55
C GLU A 57 10.76 11.85 -38.69
N LYS A 58 11.27 12.99 -39.13
CA LYS A 58 12.71 13.16 -39.26
C LYS A 58 13.41 12.52 -38.07
N ASP A 59 12.95 12.85 -36.87
CA ASP A 59 13.64 12.42 -35.67
C ASP A 59 12.82 11.48 -34.79
N TYR A 60 11.50 11.52 -34.92
CA TYR A 60 10.63 10.75 -34.00
C TYR A 60 9.98 9.52 -34.62
N SER A 61 9.29 8.74 -33.80
CA SER A 61 8.58 7.54 -34.23
C SER A 61 7.58 7.13 -33.16
N ILE A 62 6.40 6.68 -33.59
CA ILE A 62 5.32 6.38 -32.64
C ILE A 62 4.32 5.36 -33.17
N ASN A 63 3.88 4.46 -32.31
CA ASN A 63 2.92 3.44 -32.71
C ASN A 63 2.01 3.02 -31.56
N ASN A 64 2.18 3.65 -30.42
CA ASN A 64 1.31 3.40 -29.27
C ASN A 64 -0.14 3.58 -29.67
N ARG A 65 -0.92 2.50 -29.60
CA ARG A 65 -2.34 2.57 -29.98
C ARG A 65 -3.05 3.74 -29.36
N LYS A 66 -2.84 3.95 -28.06
CA LYS A 66 -3.61 4.92 -27.29
C LYS A 66 -3.19 6.36 -27.51
N ALA A 67 -1.96 6.57 -27.93
CA ALA A 67 -1.46 7.94 -28.12
C ALA A 67 -1.32 8.35 -29.59
N LEU A 68 -1.28 7.37 -30.48
CA LEU A 68 -1.06 7.64 -31.89
C LEU A 68 -1.95 8.76 -32.42
N LEU A 69 -3.26 8.62 -32.27
CA LEU A 69 -4.21 9.61 -32.80
C LEU A 69 -4.21 10.91 -32.02
N ILE A 70 -4.29 10.83 -30.69
CA ILE A 70 -4.18 12.01 -29.85
C ILE A 70 -2.93 12.83 -30.19
N TYR A 71 -1.92 12.18 -30.74
CA TYR A 71 -0.66 12.84 -31.07
C TYR A 71 -0.74 13.54 -32.42
N ILE A 72 -1.53 12.97 -33.33
CA ILE A 72 -1.77 13.60 -34.62
C ILE A 72 -2.57 14.89 -34.42
N ASP A 73 -3.51 14.85 -33.50
CA ASP A 73 -4.35 16.00 -33.21
C ASP A 73 -3.57 17.12 -32.55
N GLU A 74 -2.44 16.78 -31.93
CA GLU A 74 -1.60 17.79 -31.29
C GLU A 74 -0.41 18.18 -32.17
N ARG A 75 0.13 17.23 -32.91
CA ARG A 75 1.24 17.50 -33.81
C ARG A 75 0.85 18.55 -34.85
N PHE A 76 -0.10 18.20 -35.71
CA PHE A 76 -0.70 19.13 -36.66
C PHE A 76 -1.97 19.69 -36.03
N PRO A 77 -1.90 20.91 -35.48
CA PRO A 77 -2.93 21.34 -34.54
C PRO A 77 -4.23 21.75 -35.21
N ALA A 78 -4.16 22.43 -36.35
CA ALA A 78 -5.38 22.85 -37.03
C ALA A 78 -5.72 21.91 -38.18
N PRO A 79 -6.98 21.46 -38.26
CA PRO A 79 -8.10 21.81 -37.37
C PRO A 79 -8.28 20.85 -36.20
N SER A 80 -8.50 21.40 -35.01
CA SER A 80 -8.72 20.59 -33.82
C SER A 80 -9.79 19.52 -34.00
N LEU A 81 -9.47 18.30 -33.60
CA LEU A 81 -10.41 17.19 -33.69
C LEU A 81 -10.96 16.83 -32.32
N LEU A 82 -10.89 17.78 -31.40
CA LEU A 82 -11.59 17.69 -30.13
C LEU A 82 -12.51 18.90 -29.96
N PRO A 83 -13.66 18.70 -29.29
CA PRO A 83 -14.58 19.81 -29.02
C PRO A 83 -13.84 21.01 -28.45
N ASN A 84 -14.40 22.20 -28.65
CA ASN A 84 -13.82 23.42 -28.09
C ASN A 84 -14.31 23.70 -26.68
N VAL A 85 -15.61 23.54 -26.47
CA VAL A 85 -16.17 23.71 -25.13
C VAL A 85 -15.58 22.67 -24.20
N VAL A 86 -15.16 23.09 -23.02
CA VAL A 86 -14.47 22.23 -22.07
C VAL A 86 -15.30 21.02 -21.64
N ASN A 87 -16.55 21.27 -21.28
CA ASN A 87 -17.42 20.19 -20.80
C ASN A 87 -17.69 19.13 -21.87
N GLU A 88 -17.49 19.48 -23.13
CA GLU A 88 -17.68 18.55 -24.23
C GLU A 88 -16.41 17.77 -24.56
N ARG A 89 -15.26 18.36 -24.25
CA ARG A 89 -13.98 17.70 -24.48
C ARG A 89 -13.77 16.60 -23.43
N ILE A 90 -13.93 16.98 -22.18
CA ILE A 90 -13.84 16.04 -21.07
C ILE A 90 -14.73 14.84 -21.26
N LYS A 91 -15.91 15.03 -21.82
CA LYS A 91 -16.82 13.93 -22.11
C LYS A 91 -16.32 13.08 -23.28
N ILE A 92 -15.88 13.74 -24.34
CA ILE A 92 -15.47 13.06 -25.56
C ILE A 92 -14.28 12.13 -25.34
N ARG A 93 -13.41 12.48 -24.40
CA ARG A 93 -12.29 11.63 -24.04
C ARG A 93 -12.78 10.34 -23.40
N LEU A 94 -13.51 10.48 -22.29
CA LEU A 94 -14.12 9.35 -21.61
C LEU A 94 -14.95 8.49 -22.57
N SER A 95 -15.16 9.00 -23.78
CA SER A 95 -15.94 8.27 -24.77
C SER A 95 -15.02 7.46 -25.68
N LEU A 96 -13.95 8.09 -26.14
CA LEU A 96 -12.91 7.35 -26.86
C LEU A 96 -12.51 6.12 -26.04
N ASP A 97 -12.25 6.31 -24.76
CA ASP A 97 -11.88 5.22 -23.87
C ASP A 97 -12.89 4.08 -23.88
N LYS A 98 -14.17 4.41 -23.89
CA LYS A 98 -15.22 3.39 -23.97
C LYS A 98 -15.13 2.68 -25.31
N ILE A 99 -14.85 3.44 -26.35
CA ILE A 99 -14.78 2.92 -27.71
C ILE A 99 -13.67 1.87 -27.84
N ASP A 100 -12.45 2.28 -27.48
CA ASP A 100 -11.29 1.39 -27.51
C ASP A 100 -11.46 0.18 -26.58
N ASN A 101 -12.02 0.41 -25.39
CA ASN A 101 -11.96 -0.61 -24.36
C ASN A 101 -13.20 -1.51 -24.22
N GLU A 102 -14.33 -1.05 -24.72
CA GLU A 102 -15.56 -1.83 -24.65
C GLU A 102 -16.07 -2.22 -26.03
N TRP A 103 -15.60 -1.52 -27.06
CA TRP A 103 -16.12 -1.74 -28.40
C TRP A 103 -15.14 -2.44 -29.34
N TYR A 104 -13.92 -1.94 -29.41
CA TYR A 104 -12.90 -2.55 -30.26
C TYR A 104 -12.66 -4.01 -29.88
N PRO A 105 -12.69 -4.32 -28.59
CA PRO A 105 -12.63 -5.73 -28.17
C PRO A 105 -13.68 -6.56 -28.89
N VAL A 106 -14.90 -6.06 -28.99
CA VAL A 106 -15.96 -6.77 -29.68
C VAL A 106 -15.60 -7.06 -31.14
N LEU A 107 -14.77 -6.20 -31.73
CA LEU A 107 -14.34 -6.41 -33.11
C LEU A 107 -13.23 -7.46 -33.18
N ASP A 108 -12.24 -7.35 -32.30
CA ASP A 108 -11.16 -8.32 -32.24
C ASP A 108 -11.72 -9.71 -32.00
N GLN A 109 -12.70 -9.80 -31.11
CA GLN A 109 -13.33 -11.08 -30.80
C GLN A 109 -14.03 -11.65 -32.04
N ILE A 110 -14.70 -10.78 -32.79
CA ILE A 110 -15.38 -11.19 -34.02
C ILE A 110 -14.38 -11.35 -35.14
N ARG A 111 -13.11 -11.08 -34.84
CA ARG A 111 -12.05 -11.21 -35.83
C ARG A 111 -11.30 -12.51 -35.59
N LYS A 112 -11.33 -12.99 -34.35
CA LYS A 112 -10.57 -14.18 -33.96
C LYS A 112 -11.42 -15.45 -34.02
N HIS A 113 -12.61 -15.40 -33.43
CA HIS A 113 -13.52 -16.52 -33.50
C HIS A 113 -14.38 -16.41 -34.75
N ARG A 114 -13.78 -15.89 -35.81
CA ARG A 114 -14.47 -15.65 -37.07
C ARG A 114 -14.74 -16.92 -37.85
N SER A 115 -13.95 -17.95 -37.60
CA SER A 115 -14.07 -19.21 -38.32
C SER A 115 -15.18 -20.11 -37.76
N ASP A 116 -15.81 -19.65 -36.67
CA ASP A 116 -16.83 -20.44 -35.98
C ASP A 116 -18.22 -19.82 -36.13
N GLN A 117 -18.96 -20.26 -37.14
CA GLN A 117 -20.23 -19.64 -37.50
C GLN A 117 -21.27 -19.67 -36.38
N LYS A 118 -21.15 -20.64 -35.48
CA LYS A 118 -22.07 -20.77 -34.36
C LYS A 118 -21.77 -19.70 -33.32
N MET A 119 -20.52 -19.27 -33.29
CA MET A 119 -20.06 -18.29 -32.31
C MET A 119 -20.06 -16.88 -32.87
N LEU A 120 -20.34 -16.76 -34.17
CA LEU A 120 -20.51 -15.44 -34.79
C LEU A 120 -21.97 -15.03 -34.68
N GLU A 121 -22.85 -15.85 -35.24
CA GLU A 121 -24.28 -15.57 -35.24
C GLU A 121 -24.77 -15.12 -33.88
N SER A 122 -24.10 -15.59 -32.83
CA SER A 122 -24.50 -15.25 -31.47
C SER A 122 -23.82 -13.96 -30.98
N MET A 123 -22.61 -13.71 -31.47
CA MET A 123 -21.91 -12.48 -31.14
C MET A 123 -22.55 -11.30 -31.84
N PHE A 124 -22.95 -11.50 -33.10
CA PHE A 124 -23.65 -10.48 -33.84
C PHE A 124 -24.98 -10.13 -33.16
N LYS A 125 -25.72 -11.17 -32.78
CA LYS A 125 -27.02 -11.00 -32.15
C LYS A 125 -26.94 -10.16 -30.89
N ASP A 126 -25.77 -10.15 -30.26
CA ASP A 126 -25.58 -9.39 -29.03
C ASP A 126 -25.10 -7.97 -29.31
N LEU A 127 -24.40 -7.79 -30.43
CA LEU A 127 -23.91 -6.47 -30.82
C LEU A 127 -25.03 -5.63 -31.43
N LYS A 128 -25.66 -6.15 -32.47
CA LYS A 128 -26.82 -5.51 -33.10
C LYS A 128 -27.88 -5.18 -32.05
N GLU A 129 -27.99 -6.06 -31.05
CA GLU A 129 -28.93 -5.86 -29.96
C GLU A 129 -28.51 -4.70 -29.06
N SER A 130 -27.21 -4.44 -28.98
CA SER A 130 -26.70 -3.38 -28.10
C SER A 130 -26.75 -2.00 -28.76
N LEU A 131 -26.45 -1.95 -30.06
CA LEU A 131 -26.54 -0.69 -30.80
C LEU A 131 -27.93 -0.11 -30.68
N LEU A 132 -28.92 -0.96 -30.94
CA LEU A 132 -30.32 -0.57 -30.93
C LEU A 132 -30.77 -0.13 -29.54
N ALA A 133 -29.96 -0.44 -28.52
CA ALA A 133 -30.22 0.05 -27.18
C ALA A 133 -29.48 1.38 -26.98
N MET A 134 -29.02 1.95 -28.08
CA MET A 134 -28.30 3.23 -28.06
C MET A 134 -28.73 4.15 -29.20
N GLU A 135 -29.40 3.59 -30.20
CA GLU A 135 -29.93 4.38 -31.31
C GLU A 135 -30.76 5.54 -30.79
N LYS A 136 -31.06 5.49 -29.48
CA LYS A 136 -31.85 6.53 -28.83
C LYS A 136 -31.02 7.78 -28.57
N ALA A 137 -29.76 7.58 -28.19
CA ALA A 137 -28.87 8.70 -27.89
C ALA A 137 -27.99 9.09 -29.07
N PHE A 138 -28.53 8.91 -30.28
CA PHE A 138 -27.79 9.26 -31.49
C PHE A 138 -28.46 10.43 -32.20
N THR A 139 -29.76 10.58 -31.99
CA THR A 139 -30.51 11.68 -32.59
C THR A 139 -30.12 12.99 -31.91
N GLY A 140 -29.86 14.01 -32.72
CA GLY A 140 -29.58 15.33 -32.19
C GLY A 140 -28.14 15.78 -32.37
N SER A 141 -27.48 15.32 -33.43
CA SER A 141 -26.12 15.73 -33.75
C SER A 141 -25.76 15.29 -35.17
N GLU A 142 -25.07 16.16 -35.90
CA GLU A 142 -24.61 15.80 -37.22
C GLU A 142 -23.62 14.65 -37.10
N PHE A 143 -22.59 14.86 -36.29
CA PHE A 143 -21.58 13.85 -36.05
C PHE A 143 -21.67 13.40 -34.61
N PHE A 144 -20.92 12.37 -34.27
CA PHE A 144 -21.10 11.76 -32.96
C PHE A 144 -21.03 12.78 -31.83
N ILE A 145 -22.08 12.80 -31.03
CA ILE A 145 -22.13 13.60 -29.82
C ILE A 145 -21.27 14.84 -29.98
N SER A 146 -21.52 15.62 -31.03
CA SER A 146 -20.76 16.84 -31.23
C SER A 146 -21.17 17.68 -32.42
N SER A 147 -20.93 18.97 -32.26
CA SER A 147 -21.13 19.96 -33.31
C SER A 147 -20.40 19.52 -34.57
N GLY A 148 -19.09 19.44 -34.51
CA GLY A 148 -18.27 19.08 -35.66
C GLY A 148 -17.58 17.73 -35.54
N PHE A 149 -16.58 17.53 -36.40
CA PHE A 149 -15.86 16.27 -36.48
C PHE A 149 -14.87 16.08 -35.33
N THR A 150 -14.95 14.94 -34.67
CA THR A 150 -14.04 14.60 -33.59
C THR A 150 -13.27 13.32 -33.89
N LEU A 151 -12.30 12.98 -33.05
CA LEU A 151 -11.61 11.69 -33.14
C LEU A 151 -12.62 10.57 -32.97
N ALA A 152 -13.64 10.83 -32.17
CA ALA A 152 -14.71 9.87 -31.93
C ALA A 152 -15.28 9.36 -33.25
N ASP A 153 -15.21 10.20 -34.28
CA ASP A 153 -15.73 9.83 -35.59
C ASP A 153 -14.72 9.00 -36.37
N CYS A 154 -13.44 9.23 -36.09
CA CYS A 154 -12.38 8.45 -36.71
C CYS A 154 -12.32 7.06 -36.06
N TYR A 155 -12.48 7.02 -34.74
CA TYR A 155 -12.55 5.76 -34.02
C TYR A 155 -13.71 4.93 -34.54
N ILE A 156 -14.81 5.58 -34.85
CA ILE A 156 -16.06 4.89 -35.21
C ILE A 156 -16.22 4.57 -36.70
N ALA A 157 -15.57 5.36 -37.54
CA ALA A 157 -15.55 5.08 -38.97
C ALA A 157 -14.79 3.78 -39.21
N ALA A 158 -13.56 3.73 -38.71
CA ALA A 158 -12.72 2.55 -38.82
C ALA A 158 -13.41 1.31 -38.26
N LEU A 159 -14.15 1.50 -37.16
CA LEU A 159 -14.88 0.39 -36.55
C LEU A 159 -15.98 -0.14 -37.47
N ILE A 160 -16.96 0.70 -37.80
CA ILE A 160 -18.03 0.30 -38.70
C ILE A 160 -17.46 -0.29 -39.98
N ILE A 161 -16.37 0.28 -40.46
CA ILE A 161 -15.76 -0.15 -41.71
C ILE A 161 -15.11 -1.53 -41.63
N CYS A 162 -14.39 -1.80 -40.55
CA CYS A 162 -13.79 -3.13 -40.36
C CYS A 162 -14.84 -4.13 -39.89
N LEU A 163 -15.84 -3.65 -39.17
CA LEU A 163 -16.94 -4.51 -38.74
C LEU A 163 -17.72 -4.99 -39.95
N GLU A 164 -17.87 -4.11 -40.93
CA GLU A 164 -18.54 -4.43 -42.18
C GLU A 164 -17.83 -5.60 -42.86
N ALA A 165 -16.53 -5.43 -43.12
CA ALA A 165 -15.72 -6.46 -43.76
C ALA A 165 -15.78 -7.81 -43.04
N GLU A 166 -15.98 -7.78 -41.73
CA GLU A 166 -16.08 -9.01 -40.95
C GLU A 166 -17.50 -9.58 -41.04
N GLY A 167 -18.29 -9.03 -41.97
CA GLY A 167 -19.66 -9.47 -42.17
C GLY A 167 -20.70 -8.50 -41.65
N PHE A 168 -20.60 -8.15 -40.37
CA PHE A 168 -21.56 -7.28 -39.69
C PHE A 168 -21.84 -6.00 -40.48
N ILE A 169 -23.10 -5.81 -40.87
CA ILE A 169 -23.49 -4.61 -41.62
C ILE A 169 -24.55 -3.79 -40.88
N ILE A 170 -24.71 -2.54 -41.29
CA ILE A 170 -25.68 -1.62 -40.67
C ILE A 170 -26.76 -1.20 -41.67
N ASP A 171 -28.03 -1.28 -41.23
CA ASP A 171 -29.16 -1.02 -42.12
C ASP A 171 -30.05 0.12 -41.63
N ASP A 172 -31.26 0.16 -42.18
CA ASP A 172 -32.27 1.13 -41.79
C ASP A 172 -32.85 0.73 -40.43
N GLU A 173 -32.50 -0.47 -39.99
CA GLU A 173 -33.01 -0.99 -38.73
C GLU A 173 -32.46 -0.23 -37.54
N TYR A 174 -31.37 0.51 -37.77
CA TYR A 174 -30.66 1.16 -36.67
C TYR A 174 -31.07 2.61 -36.45
N GLY A 175 -31.74 3.20 -37.43
CA GLY A 175 -32.25 4.55 -37.30
C GLY A 175 -31.19 5.62 -37.42
N ALA A 176 -31.06 6.43 -36.38
CA ALA A 176 -30.05 7.50 -36.35
C ALA A 176 -28.70 6.95 -36.77
N ILE A 177 -28.35 5.79 -36.20
CA ILE A 177 -27.08 5.16 -36.49
C ILE A 177 -26.87 4.97 -37.99
N TYR A 178 -27.88 4.49 -38.69
CA TYR A 178 -27.74 4.29 -40.13
C TYR A 178 -27.49 5.61 -40.84
N GLU A 179 -28.23 6.64 -40.44
CA GLU A 179 -28.07 7.97 -41.02
C GLU A 179 -26.67 8.48 -40.73
N TYR A 180 -26.31 8.49 -39.45
CA TYR A 180 -24.98 8.89 -39.01
C TYR A 180 -23.89 8.10 -39.75
N LYS A 181 -24.11 6.79 -39.88
CA LYS A 181 -23.17 5.93 -40.57
C LYS A 181 -23.06 6.26 -42.05
N LYS A 182 -24.12 6.83 -42.61
CA LYS A 182 -24.15 7.14 -44.04
C LYS A 182 -23.47 8.49 -44.35
N ARG A 183 -23.57 9.44 -43.43
CA ARG A 183 -22.97 10.74 -43.66
C ARG A 183 -21.55 10.78 -43.10
N LEU A 184 -21.24 9.78 -42.27
CA LEU A 184 -19.88 9.52 -41.83
C LEU A 184 -19.07 9.04 -43.03
N PHE A 185 -19.64 8.08 -43.77
CA PHE A 185 -19.08 7.60 -45.02
C PHE A 185 -19.01 8.69 -46.10
N ALA A 186 -19.78 9.75 -45.90
CA ALA A 186 -19.84 10.86 -46.86
C ALA A 186 -18.55 11.68 -46.84
N ARG A 187 -18.03 11.94 -45.64
CA ARG A 187 -16.83 12.76 -45.48
C ARG A 187 -15.67 12.35 -46.39
N ASP A 188 -14.97 13.35 -46.92
CA ASP A 188 -13.87 13.09 -47.84
C ASP A 188 -12.73 12.33 -47.16
N SER A 189 -12.53 12.60 -45.87
CA SER A 189 -11.45 11.94 -45.13
C SER A 189 -11.73 10.46 -44.94
N VAL A 190 -12.96 10.12 -44.56
CA VAL A 190 -13.34 8.72 -44.41
C VAL A 190 -13.35 8.03 -45.77
N LYS A 191 -13.77 8.78 -46.78
CA LYS A 191 -13.97 8.23 -48.12
C LYS A 191 -12.66 7.73 -48.72
N LYS A 192 -11.59 8.48 -48.46
CA LYS A 192 -10.27 8.13 -48.98
C LYS A 192 -9.73 6.84 -48.37
N ALA A 193 -9.58 6.83 -47.04
CA ALA A 193 -9.03 5.67 -46.36
C ALA A 193 -9.85 4.41 -46.61
N ASN A 194 -11.13 4.59 -46.94
CA ASN A 194 -12.02 3.47 -47.18
C ASN A 194 -11.53 2.60 -48.33
N ILE A 195 -10.86 3.23 -49.28
CA ILE A 195 -10.37 2.55 -50.48
C ILE A 195 -8.85 2.39 -50.44
N SER B 1 -22.61 24.48 -12.10
CA SER B 1 -21.41 25.31 -12.11
C SER B 1 -20.24 24.57 -11.49
N ASN B 2 -19.60 25.17 -10.49
CA ASN B 2 -18.42 24.57 -9.87
C ASN B 2 -18.74 23.77 -8.60
N ALA B 3 -19.58 22.75 -8.78
CA ALA B 3 -19.86 21.75 -7.76
C ALA B 3 -19.06 20.49 -8.01
N MET B 4 -17.74 20.62 -8.00
CA MET B 4 -16.85 19.50 -8.27
C MET B 4 -16.75 18.54 -7.09
N LEU B 5 -17.28 17.35 -7.28
CA LEU B 5 -17.23 16.33 -6.25
C LEU B 5 -16.30 15.21 -6.73
N LEU B 6 -15.24 14.95 -5.97
CA LEU B 6 -14.31 13.88 -6.31
C LEU B 6 -14.48 12.66 -5.42
N TYR B 7 -15.21 11.67 -5.91
CA TYR B 7 -15.43 10.44 -5.16
C TYR B 7 -14.13 9.64 -5.01
N THR B 8 -13.73 9.38 -3.78
CA THR B 8 -12.53 8.59 -3.51
C THR B 8 -12.81 7.50 -2.48
N LYS B 9 -11.84 6.61 -2.30
CA LYS B 9 -11.89 5.62 -1.22
C LYS B 9 -10.59 5.68 -0.43
N LYS B 10 -10.58 5.07 0.74
CA LYS B 10 -9.39 5.09 1.59
C LYS B 10 -8.31 4.16 1.04
N ASP B 11 -7.07 4.65 1.05
CA ASP B 11 -5.93 3.84 0.64
C ASP B 11 -5.91 3.50 -0.84
N ASP B 12 -6.98 3.86 -1.55
CA ASP B 12 -6.98 3.77 -3.01
C ASP B 12 -5.87 4.70 -3.51
N ILE B 13 -4.99 4.19 -4.35
CA ILE B 13 -3.82 4.97 -4.79
C ILE B 13 -4.21 6.02 -5.82
N TYR B 14 -5.22 5.71 -6.61
CA TYR B 14 -5.68 6.62 -7.64
C TYR B 14 -6.31 7.88 -7.03
N SER B 15 -7.09 7.70 -5.98
CA SER B 15 -7.72 8.84 -5.32
C SER B 15 -6.63 9.75 -4.79
N ASP B 16 -5.73 9.19 -3.98
CA ASP B 16 -4.63 9.95 -3.41
C ASP B 16 -3.86 10.69 -4.51
N ILE B 17 -3.62 10.02 -5.64
CA ILE B 17 -2.99 10.68 -6.77
C ILE B 17 -3.80 11.88 -7.24
N VAL B 18 -5.07 11.66 -7.55
CA VAL B 18 -5.92 12.74 -8.04
C VAL B 18 -6.00 13.89 -7.04
N ARG B 19 -6.18 13.55 -5.77
CA ARG B 19 -6.35 14.58 -4.74
C ARG B 19 -5.15 15.54 -4.68
N MET B 20 -3.97 15.04 -4.99
CA MET B 20 -2.77 15.90 -4.98
C MET B 20 -2.64 16.69 -6.27
N ILE B 21 -3.41 16.32 -7.29
CA ILE B 21 -3.43 17.08 -8.53
C ILE B 21 -4.41 18.24 -8.38
N LEU B 22 -5.54 17.97 -7.74
CA LEU B 22 -6.51 19.01 -7.43
C LEU B 22 -5.90 20.02 -6.47
N LEU B 23 -5.07 19.53 -5.56
CA LEU B 23 -4.37 20.40 -4.62
C LEU B 23 -3.37 21.29 -5.34
N ILE B 24 -2.69 20.74 -6.35
CA ILE B 24 -1.71 21.48 -7.10
C ILE B 24 -2.36 22.57 -7.93
N LYS B 25 -3.51 22.25 -8.52
CA LYS B 25 -4.23 23.20 -9.35
C LYS B 25 -4.84 24.30 -8.51
N GLY B 26 -5.56 23.91 -7.45
CA GLY B 26 -6.26 24.84 -6.60
C GLY B 26 -7.74 24.51 -6.63
N ALA B 27 -8.08 23.49 -7.39
CA ALA B 27 -9.48 23.10 -7.60
C ALA B 27 -10.33 23.09 -6.34
N ASN B 28 -11.53 23.66 -6.45
CA ASN B 28 -12.54 23.54 -5.41
C ASN B 28 -13.03 22.10 -5.34
N ALA B 29 -12.41 21.30 -4.48
CA ALA B 29 -12.61 19.87 -4.50
C ALA B 29 -13.36 19.34 -3.29
N LYS B 30 -14.67 19.12 -3.44
CA LYS B 30 -15.46 18.48 -2.39
C LYS B 30 -15.20 16.99 -2.42
N ILE B 31 -14.21 16.55 -1.65
CA ILE B 31 -13.83 15.15 -1.60
C ILE B 31 -14.89 14.32 -0.86
N VAL B 32 -15.06 13.07 -1.29
CA VAL B 32 -16.07 12.20 -0.71
C VAL B 32 -15.56 10.77 -0.49
N ASP B 33 -15.08 10.49 0.72
CA ASP B 33 -14.58 9.16 1.04
C ASP B 33 -15.72 8.15 1.08
N VAL B 34 -16.00 7.53 -0.06
CA VAL B 34 -17.11 6.59 -0.15
C VAL B 34 -16.83 5.32 0.63
N SER B 35 -15.73 5.35 1.38
CA SER B 35 -15.36 4.21 2.22
C SER B 35 -16.02 4.35 3.58
N LYS B 36 -16.15 5.58 4.04
CA LYS B 36 -16.86 5.88 5.28
C LYS B 36 -18.33 5.51 5.16
N GLU B 37 -18.92 5.02 6.25
CA GLU B 37 -20.33 4.69 6.27
C GLU B 37 -21.17 5.95 6.07
N GLU B 38 -20.78 7.03 6.73
CA GLU B 38 -21.53 8.29 6.67
C GLU B 38 -21.95 8.69 5.26
N ASN B 39 -21.06 8.50 4.30
CA ASN B 39 -21.31 8.90 2.92
C ASN B 39 -22.10 7.83 2.15
N SER B 40 -22.82 6.98 2.87
CA SER B 40 -23.61 5.92 2.26
C SER B 40 -24.55 6.45 1.17
N LYS B 41 -25.00 7.69 1.32
CA LYS B 41 -25.93 8.29 0.38
C LYS B 41 -25.24 8.76 -0.90
N HIS B 42 -23.95 9.04 -0.80
CA HIS B 42 -23.17 9.43 -1.98
C HIS B 42 -22.82 8.22 -2.83
N LEU B 43 -22.43 7.12 -2.18
CA LEU B 43 -22.14 5.89 -2.88
C LEU B 43 -23.38 5.40 -3.62
N GLU B 44 -24.55 5.73 -3.08
CA GLU B 44 -25.82 5.45 -3.75
C GLU B 44 -25.87 6.25 -5.04
N GLU B 45 -25.55 7.54 -4.94
CA GLU B 45 -25.49 8.42 -6.09
C GLU B 45 -24.50 7.93 -7.14
N LEU B 46 -23.35 7.45 -6.67
CA LEU B 46 -22.25 7.08 -7.57
C LEU B 46 -22.52 5.84 -8.41
N ASN B 47 -23.24 4.87 -7.85
CA ASN B 47 -23.59 3.66 -8.59
C ASN B 47 -24.64 3.93 -9.66
N ILE B 48 -25.03 5.19 -9.77
CA ILE B 48 -26.02 5.61 -10.74
C ILE B 48 -25.37 6.38 -11.89
N ILE B 49 -24.43 7.24 -11.52
CA ILE B 49 -23.78 8.13 -12.50
C ILE B 49 -22.55 7.49 -13.15
N THR B 50 -22.13 6.35 -12.61
CA THR B 50 -21.06 5.58 -13.21
C THR B 50 -21.52 4.12 -13.31
N PRO B 51 -20.93 3.35 -14.22
CA PRO B 51 -21.38 1.98 -14.45
C PRO B 51 -21.03 1.00 -13.32
N ASN B 52 -19.80 1.05 -12.81
CA ASN B 52 -19.37 0.08 -11.82
C ASN B 52 -18.85 0.70 -10.53
N GLY B 53 -19.41 1.84 -10.14
CA GLY B 53 -18.97 2.55 -8.95
C GLY B 53 -17.52 2.98 -9.05
N ASN B 54 -17.07 3.18 -10.28
CA ASN B 54 -15.68 3.51 -10.57
C ASN B 54 -15.08 4.52 -9.60
N ILE B 55 -14.00 4.13 -8.95
CA ILE B 55 -13.28 5.02 -8.03
C ILE B 55 -11.84 5.20 -8.49
N PRO B 56 -11.38 6.46 -8.57
CA PRO B 56 -12.16 7.65 -8.23
C PRO B 56 -12.98 8.14 -9.42
N THR B 57 -14.06 8.86 -9.14
CA THR B 57 -14.84 9.54 -10.16
C THR B 57 -14.85 11.05 -9.93
N LEU B 58 -14.73 11.82 -11.00
CA LEU B 58 -14.76 13.27 -10.89
C LEU B 58 -16.03 13.81 -11.51
N SER B 59 -17.02 14.11 -10.67
CA SER B 59 -18.33 14.52 -11.18
C SER B 59 -18.69 15.97 -10.89
N THR B 60 -19.51 16.51 -11.79
CA THR B 60 -20.10 17.82 -11.64
C THR B 60 -21.54 17.70 -12.13
N ASP B 61 -22.23 18.81 -12.30
CA ASP B 61 -23.58 18.79 -12.87
C ASP B 61 -23.48 18.43 -14.35
N ASP B 62 -22.34 18.75 -14.95
CA ASP B 62 -22.17 18.63 -16.39
C ASP B 62 -21.73 17.23 -16.82
N PHE B 63 -20.82 16.63 -16.06
CA PHE B 63 -20.28 15.33 -16.43
C PHE B 63 -20.03 14.42 -15.24
N ALA B 64 -19.66 13.18 -15.53
CA ALA B 64 -19.13 12.26 -14.53
C ALA B 64 -18.07 11.41 -15.21
N VAL B 65 -16.79 11.67 -14.90
CA VAL B 65 -15.70 10.95 -15.57
C VAL B 65 -14.83 10.08 -14.66
N TYR B 66 -14.50 8.90 -15.18
CA TYR B 66 -13.62 7.93 -14.51
C TYR B 66 -12.48 7.53 -15.43
N ARG B 67 -11.64 6.59 -15.00
CA ARG B 67 -10.38 6.32 -15.68
C ARG B 67 -9.43 7.42 -15.29
N LEU B 68 -8.15 7.08 -15.20
CA LEU B 68 -7.14 8.02 -14.70
C LEU B 68 -6.56 8.98 -15.75
N SER B 69 -6.38 8.49 -16.98
CA SER B 69 -5.98 9.37 -18.07
C SER B 69 -7.05 10.41 -18.28
N VAL B 70 -8.31 9.99 -18.24
CA VAL B 70 -9.41 10.93 -18.46
C VAL B 70 -9.37 12.03 -17.41
N ILE B 71 -9.55 11.65 -16.15
CA ILE B 71 -9.53 12.61 -15.06
C ILE B 71 -8.37 13.60 -15.13
N ILE B 72 -7.16 13.09 -15.32
CA ILE B 72 -5.97 13.93 -15.34
C ILE B 72 -6.04 14.99 -16.42
N GLU B 73 -6.55 14.61 -17.60
CA GLU B 73 -6.74 15.56 -18.69
C GLU B 73 -7.89 16.49 -18.37
N ALA B 74 -8.95 15.95 -17.79
CA ALA B 74 -10.08 16.75 -17.35
C ALA B 74 -9.61 17.88 -16.44
N ILE B 75 -8.83 17.52 -15.42
CA ILE B 75 -8.27 18.50 -14.50
C ILE B 75 -7.48 19.58 -15.24
N GLU B 76 -6.78 19.19 -16.29
CA GLU B 76 -5.97 20.13 -17.05
C GLU B 76 -6.86 21.02 -17.93
N ASP B 77 -8.05 20.54 -18.22
CA ASP B 77 -9.03 21.32 -18.98
C ASP B 77 -9.67 22.36 -18.07
N LEU B 78 -9.97 21.95 -16.85
CA LEU B 78 -10.69 22.81 -15.91
C LEU B 78 -9.75 23.75 -15.17
N TYR B 79 -8.48 23.39 -15.11
CA TYR B 79 -7.51 24.13 -14.30
C TYR B 79 -6.14 24.21 -14.95
N PRO B 80 -6.05 24.93 -16.07
CA PRO B 80 -4.81 25.09 -16.85
C PRO B 80 -3.58 25.44 -16.01
N PHE B 81 -3.78 26.02 -14.83
CA PHE B 81 -2.66 26.57 -14.06
C PHE B 81 -2.39 25.84 -12.75
N PRO B 82 -1.13 25.39 -12.56
CA PRO B 82 -0.06 25.49 -13.55
C PRO B 82 -0.04 24.22 -14.40
N PRO B 83 0.74 24.23 -15.49
CA PRO B 83 0.72 23.19 -16.53
C PRO B 83 1.26 21.81 -16.08
N MET B 84 0.44 20.77 -16.21
CA MET B 84 0.82 19.42 -15.81
C MET B 84 1.67 18.70 -16.85
N PHE B 85 1.37 18.93 -18.12
CA PHE B 85 2.05 18.24 -19.19
C PHE B 85 3.11 19.10 -19.86
N PRO B 86 4.05 18.47 -20.57
CA PRO B 86 4.99 19.25 -21.37
C PRO B 86 4.30 19.93 -22.55
N VAL B 87 5.08 20.59 -23.41
CA VAL B 87 4.54 21.40 -24.51
C VAL B 87 4.75 20.80 -25.91
N PHE B 88 5.92 20.23 -26.16
CA PHE B 88 6.15 19.58 -27.45
C PHE B 88 5.27 18.34 -27.51
N PRO B 89 4.59 18.11 -28.65
CA PRO B 89 3.68 16.98 -28.78
C PRO B 89 4.38 15.64 -28.58
N LYS B 90 5.63 15.51 -29.03
CA LYS B 90 6.37 14.28 -28.86
C LYS B 90 6.53 13.94 -27.37
N GLN B 91 6.87 14.96 -26.59
CA GLN B 91 7.05 14.80 -25.16
C GLN B 91 5.73 14.50 -24.46
N ARG B 92 4.65 15.04 -25.00
CA ARG B 92 3.33 14.77 -24.45
C ARG B 92 2.94 13.32 -24.69
N ALA B 93 3.22 12.83 -25.89
CA ALA B 93 2.89 11.47 -26.26
C ALA B 93 3.65 10.50 -25.36
N ASN B 94 4.92 10.80 -25.15
CA ASN B 94 5.77 9.97 -24.32
C ASN B 94 5.27 9.91 -22.88
N ALA B 95 4.97 11.06 -22.30
CA ALA B 95 4.39 11.10 -20.96
C ALA B 95 3.13 10.23 -20.91
N ARG B 96 2.40 10.17 -22.02
CA ARG B 96 1.16 9.40 -22.06
C ARG B 96 1.43 7.91 -22.18
N ILE B 97 2.50 7.57 -22.90
CA ILE B 97 2.88 6.17 -23.11
C ILE B 97 3.52 5.62 -21.85
N LEU B 98 4.24 6.47 -21.13
CA LEU B 98 4.84 6.09 -19.88
C LEU B 98 3.77 5.89 -18.82
N LEU B 99 2.85 6.85 -18.74
CA LEU B 99 1.79 6.82 -17.76
C LEU B 99 0.94 5.57 -17.94
N GLU B 100 0.94 5.02 -19.15
CA GLU B 100 0.20 3.79 -19.41
C GLU B 100 0.90 2.62 -18.77
N TYR B 101 2.23 2.62 -18.87
CA TYR B 101 3.07 1.55 -18.32
C TYR B 101 3.06 1.56 -16.79
N VAL B 102 3.20 2.74 -16.20
CA VAL B 102 3.16 2.89 -14.77
C VAL B 102 1.82 2.41 -14.21
N ASN B 103 0.75 2.60 -14.97
CA ASN B 103 -0.61 2.21 -14.53
C ASN B 103 -0.86 0.70 -14.61
N LYS B 104 -0.38 0.07 -15.69
CA LYS B 104 -0.55 -1.36 -15.87
C LYS B 104 0.31 -2.16 -14.92
N THR B 105 1.53 -1.67 -14.70
CA THR B 105 2.53 -2.43 -13.93
C THR B 105 2.48 -2.19 -12.43
N PHE B 106 2.12 -0.97 -12.03
CA PHE B 106 2.18 -0.60 -10.62
C PHE B 106 0.81 -0.30 -10.01
N LEU B 107 0.16 0.75 -10.48
CA LEU B 107 -1.15 1.13 -9.97
C LEU B 107 -2.14 -0.05 -9.98
N GLN B 108 -2.32 -0.63 -11.15
CA GLN B 108 -3.23 -1.77 -11.27
C GLN B 108 -2.87 -2.91 -10.34
N ASN B 109 -1.57 -3.15 -10.17
CA ASN B 109 -1.11 -4.22 -9.28
C ASN B 109 -1.21 -3.87 -7.80
N ILE B 110 -0.81 -2.64 -7.44
CA ILE B 110 -1.02 -2.16 -6.09
C ILE B 110 -2.46 -2.43 -5.64
N ILE B 111 -3.40 -2.36 -6.59
CA ILE B 111 -4.80 -2.60 -6.28
C ILE B 111 -5.11 -4.10 -6.10
N LYS B 112 -4.58 -4.92 -6.98
CA LYS B 112 -4.78 -6.37 -6.89
C LYS B 112 -4.30 -6.86 -5.53
N LEU B 113 -3.29 -6.18 -4.98
CA LEU B 113 -2.70 -6.54 -3.70
C LEU B 113 -3.57 -6.17 -2.50
N GLN B 114 -4.54 -5.29 -2.72
CA GLN B 114 -5.45 -4.89 -1.65
C GLN B 114 -6.68 -5.80 -1.62
N SER B 115 -6.73 -6.74 -2.56
CA SER B 115 -7.79 -7.74 -2.61
C SER B 115 -7.60 -8.77 -1.51
N PRO B 116 -8.57 -8.88 -0.59
CA PRO B 116 -8.45 -9.76 0.56
C PRO B 116 -8.48 -11.27 0.21
N ASP B 117 -9.08 -11.63 -0.91
CA ASP B 117 -9.17 -13.03 -1.29
C ASP B 117 -8.07 -13.41 -2.27
N LEU B 118 -6.88 -12.87 -2.07
CA LEU B 118 -5.78 -13.12 -2.98
C LEU B 118 -4.89 -14.26 -2.50
N ASP B 119 -4.42 -15.07 -3.43
CA ASP B 119 -3.53 -16.18 -3.10
C ASP B 119 -2.21 -15.61 -2.62
N GLU B 120 -1.68 -16.19 -1.54
CA GLU B 120 -0.43 -15.70 -0.97
C GLU B 120 0.76 -15.88 -1.91
N LYS B 121 0.62 -16.81 -2.85
CA LYS B 121 1.67 -17.07 -3.84
C LYS B 121 1.61 -16.06 -4.98
N GLN B 122 0.40 -15.85 -5.48
CA GLN B 122 0.15 -14.86 -6.52
C GLN B 122 0.56 -13.48 -6.03
N ALA B 123 0.11 -13.15 -4.82
CA ALA B 123 0.41 -11.86 -4.21
C ALA B 123 1.91 -11.65 -4.06
N ASN B 124 2.66 -12.73 -3.92
CA ASN B 124 4.12 -12.65 -3.80
C ASN B 124 4.80 -12.47 -5.16
N GLU B 125 4.15 -12.98 -6.21
CA GLU B 125 4.64 -12.79 -7.58
C GLU B 125 4.41 -11.36 -8.04
N ILE B 126 3.32 -10.77 -7.58
CA ILE B 126 3.07 -9.36 -7.85
C ILE B 126 4.14 -8.54 -7.18
N LYS B 127 4.20 -8.64 -5.85
CA LYS B 127 5.15 -7.85 -5.07
C LYS B 127 6.55 -7.90 -5.67
N MET B 128 6.92 -9.05 -6.23
CA MET B 128 8.25 -9.20 -6.83
C MET B 128 8.36 -8.57 -8.21
N LEU B 129 7.39 -8.85 -9.08
CA LEU B 129 7.35 -8.21 -10.40
C LEU B 129 7.59 -6.72 -10.26
N MET B 130 6.92 -6.12 -9.29
CA MET B 130 7.06 -4.68 -9.04
C MET B 130 8.50 -4.28 -8.70
N GLN B 131 9.09 -4.91 -7.68
CA GLN B 131 10.47 -4.62 -7.32
C GLN B 131 11.35 -4.68 -8.54
N ARG B 132 11.14 -5.71 -9.36
CA ARG B 132 11.98 -5.96 -10.53
C ARG B 132 12.14 -4.76 -11.45
N ASP B 133 11.08 -3.97 -11.60
CA ASP B 133 11.09 -2.85 -12.56
C ASP B 133 11.11 -1.46 -11.92
N ILE B 134 10.54 -1.35 -10.72
CA ILE B 134 10.39 -0.05 -10.08
C ILE B 134 11.58 0.87 -10.32
N ILE B 135 12.79 0.30 -10.31
CA ILE B 135 13.99 1.11 -10.51
C ILE B 135 14.18 1.56 -11.95
N SER B 136 14.28 0.62 -12.89
CA SER B 136 14.43 0.97 -14.29
C SER B 136 13.38 2.00 -14.70
N THR B 137 12.15 1.76 -14.27
CA THR B 137 11.05 2.68 -14.49
C THR B 137 11.40 4.07 -13.99
N TYR B 138 11.72 4.16 -12.71
CA TYR B 138 12.06 5.44 -12.10
C TYR B 138 13.01 6.24 -12.98
N LYS B 139 14.04 5.57 -13.49
CA LYS B 139 15.02 6.23 -14.34
C LYS B 139 14.37 6.90 -15.54
N LYS B 140 13.51 6.16 -16.24
CA LYS B 140 12.80 6.69 -17.39
C LYS B 140 12.00 7.94 -17.05
N ILE B 141 11.21 7.86 -15.97
CA ILE B 141 10.44 9.01 -15.51
C ILE B 141 11.35 10.22 -15.32
N VAL B 142 12.61 9.95 -15.00
CA VAL B 142 13.60 10.98 -14.75
C VAL B 142 14.16 11.53 -16.06
N SER B 143 14.81 10.67 -16.82
CA SER B 143 15.37 11.04 -18.11
C SER B 143 14.37 11.92 -18.84
N GLU B 144 13.11 11.47 -18.88
CA GLU B 144 12.05 12.21 -19.56
C GLU B 144 11.79 13.57 -18.95
N ARG B 145 11.70 13.63 -17.63
CA ARG B 145 11.47 14.91 -16.96
C ARG B 145 12.62 15.87 -17.19
N GLU B 146 13.83 15.35 -17.24
CA GLU B 146 15.01 16.17 -17.47
C GLU B 146 14.92 16.88 -18.82
N VAL B 147 14.47 16.15 -19.85
CA VAL B 147 14.33 16.73 -21.18
C VAL B 147 13.26 17.83 -21.21
N ASN B 148 12.10 17.53 -20.62
CA ASN B 148 10.96 18.43 -20.69
C ASN B 148 11.13 19.71 -19.88
N ALA B 149 12.14 19.74 -19.02
CA ALA B 149 12.39 20.91 -18.19
C ALA B 149 13.32 21.91 -18.87
N GLU B 150 14.37 21.39 -19.49
CA GLU B 150 15.37 22.23 -20.17
C GLU B 150 14.81 22.83 -21.46
N SER B 151 14.19 22.01 -22.28
CA SER B 151 13.64 22.46 -23.55
C SER B 151 12.65 23.59 -23.34
N ASN B 152 12.44 23.96 -22.09
CA ASN B 152 11.62 25.13 -21.76
C ASN B 152 11.78 25.56 -20.30
N PRO B 153 12.78 26.41 -20.03
CA PRO B 153 13.08 26.95 -18.70
C PRO B 153 12.12 28.08 -18.32
N ASP B 154 11.50 28.69 -19.31
CA ASP B 154 10.56 29.77 -19.08
C ASP B 154 9.14 29.25 -18.85
N ALA B 155 8.88 28.02 -19.30
CA ALA B 155 7.54 27.45 -19.18
C ALA B 155 7.28 26.96 -17.76
N GLN B 156 8.27 26.27 -17.19
CA GLN B 156 8.21 25.79 -15.81
C GLN B 156 6.93 25.00 -15.50
N ASN B 157 6.90 23.73 -15.91
CA ASN B 157 5.75 22.88 -15.63
C ASN B 157 6.01 21.71 -14.69
N ILE B 158 4.94 21.18 -14.13
CA ILE B 158 4.98 20.11 -13.13
C ILE B 158 4.92 18.73 -13.77
N ASN B 159 5.95 17.92 -13.57
CA ASN B 159 5.96 16.57 -14.13
C ASN B 159 4.96 15.64 -13.44
N VAL B 160 3.90 15.29 -14.16
CA VAL B 160 2.84 14.46 -13.59
C VAL B 160 3.32 13.02 -13.34
N LEU B 161 4.28 12.56 -14.14
CA LEU B 161 4.80 11.20 -13.99
C LEU B 161 5.77 11.06 -12.83
N THR B 162 6.28 12.18 -12.34
CA THR B 162 7.12 12.16 -11.15
C THR B 162 6.20 12.24 -9.93
N LEU B 163 5.09 12.94 -10.10
CA LEU B 163 4.10 13.05 -9.03
C LEU B 163 3.49 11.69 -8.72
N ILE B 164 3.24 10.91 -9.77
CA ILE B 164 2.66 9.58 -9.62
C ILE B 164 3.68 8.60 -9.04
N ILE B 165 4.88 8.57 -9.60
CA ILE B 165 5.90 7.62 -9.14
C ILE B 165 6.18 7.81 -7.66
N THR B 166 5.90 9.01 -7.16
CA THR B 166 6.06 9.29 -5.73
C THR B 166 5.05 8.47 -4.92
N PHE B 167 3.82 8.38 -5.42
CA PHE B 167 2.79 7.61 -4.74
C PHE B 167 3.02 6.11 -4.84
N VAL B 168 3.67 5.68 -5.91
CA VAL B 168 4.07 4.27 -6.03
C VAL B 168 5.02 3.91 -4.90
N PHE B 169 5.90 4.84 -4.57
CA PHE B 169 6.85 4.64 -3.47
C PHE B 169 6.11 4.59 -2.14
N TYR B 170 5.42 5.66 -1.80
CA TYR B 170 4.59 5.69 -0.61
C TYR B 170 3.91 4.34 -0.40
N TYR B 171 3.39 3.76 -1.48
CA TYR B 171 2.64 2.50 -1.38
C TYR B 171 3.52 1.27 -1.33
N PHE B 172 4.80 1.43 -1.71
CA PHE B 172 5.79 0.39 -1.44
C PHE B 172 5.98 0.30 0.06
N ILE B 173 6.42 1.42 0.64
CA ILE B 173 6.53 1.56 2.09
C ILE B 173 5.27 1.01 2.73
N LYS B 174 4.14 1.36 2.14
CA LYS B 174 2.84 1.07 2.73
C LYS B 174 2.50 -0.42 2.68
N LEU B 175 3.06 -1.12 1.71
CA LEU B 175 2.80 -2.55 1.56
C LEU B 175 4.01 -3.39 1.96
N LYS B 176 4.94 -2.74 2.67
CA LYS B 176 6.13 -3.40 3.15
C LYS B 176 6.96 -3.94 2.00
N ILE B 177 6.63 -3.51 0.78
CA ILE B 177 7.44 -3.86 -0.38
C ILE B 177 8.72 -3.03 -0.38
N SER B 178 9.80 -3.65 -0.84
CA SER B 178 11.12 -3.04 -0.72
C SER B 178 11.60 -2.44 -2.04
N ILE B 179 12.21 -1.25 -1.97
CA ILE B 179 12.71 -0.56 -3.14
C ILE B 179 14.13 -1.03 -3.48
N PRO B 180 14.26 -2.09 -4.30
CA PRO B 180 15.56 -2.78 -4.45
C PRO B 180 16.62 -1.93 -5.14
N THR B 181 17.42 -1.24 -4.34
CA THR B 181 18.61 -0.53 -4.83
C THR B 181 19.56 -0.19 -3.69
N LYS B 182 20.86 -0.15 -4.02
CA LYS B 182 21.84 0.35 -2.96
C LYS B 182 22.38 1.72 -3.43
N ASP B 183 22.00 2.17 -4.65
CA ASP B 183 22.29 3.56 -4.99
C ASP B 183 21.92 4.65 -4.01
N LYS B 184 22.90 5.18 -3.32
CA LYS B 184 22.80 5.99 -2.27
C LYS B 184 22.21 7.26 -2.85
N ASN B 185 22.42 7.51 -4.14
CA ASN B 185 21.93 8.72 -4.79
C ASN B 185 20.43 8.62 -5.06
N ILE B 186 20.06 7.53 -5.74
CA ILE B 186 18.66 7.22 -5.99
C ILE B 186 17.88 7.33 -4.67
N ILE B 187 18.40 6.69 -3.63
CA ILE B 187 17.79 6.73 -2.31
C ILE B 187 17.62 8.18 -1.85
N LYS B 188 18.65 8.98 -2.05
CA LYS B 188 18.59 10.40 -1.72
C LYS B 188 17.37 11.04 -2.36
N GLU B 189 17.13 10.69 -3.61
CA GLU B 189 16.05 11.29 -4.40
C GLU B 189 14.66 10.81 -3.96
N ILE B 190 14.53 9.51 -3.74
CA ILE B 190 13.24 8.92 -3.34
C ILE B 190 12.79 9.47 -2.00
N LYS B 191 13.74 9.94 -1.21
CA LYS B 191 13.44 10.57 0.07
C LYS B 191 12.94 11.98 -0.17
N GLU B 192 13.56 12.66 -1.12
CA GLU B 192 13.17 14.01 -1.51
C GLU B 192 11.76 14.01 -2.07
N LEU B 193 11.45 13.02 -2.91
CA LEU B 193 10.13 12.91 -3.51
C LEU B 193 9.04 12.82 -2.45
N LEU B 194 9.28 12.04 -1.41
CA LEU B 194 8.32 11.87 -0.33
C LEU B 194 8.38 13.06 0.63
N SER B 195 9.33 13.95 0.38
CA SER B 195 9.60 15.07 1.28
C SER B 195 9.00 16.38 0.79
N GLU B 196 8.32 16.32 -0.36
CA GLU B 196 7.71 17.51 -0.95
C GLU B 196 6.41 17.88 -0.24
N PRO B 197 6.19 19.19 -0.01
CA PRO B 197 5.09 19.77 0.77
C PRO B 197 3.70 19.33 0.31
N ASN B 198 3.45 19.40 -0.99
CA ASN B 198 2.14 19.00 -1.51
C ASN B 198 1.83 17.52 -1.26
N PHE B 199 2.88 16.70 -1.22
CA PHE B 199 2.72 15.28 -0.98
C PHE B 199 2.36 14.98 0.47
N ILE B 200 2.94 15.77 1.38
CA ILE B 200 2.73 15.55 2.81
C ILE B 200 1.38 16.15 3.24
N LYS B 201 0.89 17.08 2.43
CA LYS B 201 -0.42 17.68 2.66
C LYS B 201 -1.54 16.71 2.27
N THR B 202 -1.23 15.81 1.34
CA THR B 202 -2.24 14.92 0.78
C THR B 202 -2.52 13.72 1.68
N ILE B 203 -1.51 12.89 1.91
CA ILE B 203 -1.66 11.67 2.69
C ILE B 203 -2.05 11.95 4.14
N LYS B 204 -1.60 13.09 4.66
CA LYS B 204 -1.96 13.53 6.00
C LYS B 204 -3.39 13.11 6.34
N ASN C 2 -12.28 -25.34 2.65
CA ASN C 2 -12.13 -24.67 1.36
C ASN C 2 -12.22 -23.16 1.50
N ALA C 3 -11.47 -22.61 2.44
CA ALA C 3 -11.43 -21.17 2.68
C ALA C 3 -10.00 -20.68 2.89
N MET C 4 -9.75 -19.42 2.60
CA MET C 4 -8.41 -18.84 2.64
C MET C 4 -7.66 -19.16 3.93
N VAL C 5 -8.29 -18.89 5.07
CA VAL C 5 -7.63 -19.09 6.36
C VAL C 5 -8.51 -19.86 7.34
N THR C 6 -7.87 -20.43 8.36
CA THR C 6 -8.59 -21.22 9.35
C THR C 6 -8.11 -20.92 10.77
N LEU C 7 -9.04 -20.49 11.63
CA LEU C 7 -8.70 -20.04 12.97
C LEU C 7 -9.31 -20.91 14.06
N TYR C 8 -8.48 -21.73 14.70
CA TYR C 8 -8.93 -22.52 15.84
C TYR C 8 -8.89 -21.66 17.10
N THR C 9 -9.97 -21.65 17.87
CA THR C 9 -10.01 -20.82 19.07
C THR C 9 -10.49 -21.57 20.30
N THR C 10 -10.43 -20.88 21.44
CA THR C 10 -11.00 -21.36 22.68
C THR C 10 -12.16 -20.44 23.08
N LYS C 11 -13.37 -20.95 22.93
CA LYS C 11 -14.60 -20.16 23.06
C LYS C 11 -14.53 -18.98 24.03
N TYR C 12 -14.00 -19.22 25.23
CA TYR C 12 -13.86 -18.15 26.21
C TYR C 12 -12.39 -17.79 26.37
N CYS C 13 -11.88 -17.00 25.43
CA CYS C 13 -10.47 -16.61 25.40
C CYS C 13 -10.33 -15.27 24.69
N PRO C 14 -9.75 -14.28 25.37
CA PRO C 14 -9.66 -12.93 24.82
C PRO C 14 -8.74 -12.87 23.62
N TYR C 15 -7.75 -13.77 23.58
CA TYR C 15 -6.77 -13.78 22.50
C TYR C 15 -7.37 -14.33 21.20
N SER C 16 -8.46 -15.08 21.34
CA SER C 16 -9.19 -15.56 20.17
C SER C 16 -10.20 -14.52 19.72
N LEU C 17 -10.67 -13.70 20.66
CA LEU C 17 -11.69 -12.71 20.35
C LEU C 17 -11.16 -11.60 19.45
N ARG C 18 -9.89 -11.26 19.61
CA ARG C 18 -9.31 -10.14 18.87
C ARG C 18 -8.79 -10.54 17.50
N ALA C 19 -8.61 -11.83 17.28
CA ALA C 19 -8.20 -12.34 15.99
C ALA C 19 -9.41 -12.47 15.07
N ARG C 20 -10.58 -12.64 15.67
CA ARG C 20 -11.82 -12.73 14.91
C ARG C 20 -12.31 -11.35 14.52
N ILE C 21 -12.04 -10.38 15.39
CA ILE C 21 -12.36 -8.98 15.09
C ILE C 21 -11.54 -8.53 13.89
N ALA C 22 -10.22 -8.58 14.02
CA ALA C 22 -9.31 -8.15 12.97
C ALA C 22 -9.45 -8.99 11.70
N LEU C 23 -9.92 -10.22 11.85
CA LEU C 23 -10.15 -11.07 10.70
C LEU C 23 -11.45 -10.70 9.99
N ALA C 24 -12.31 -9.97 10.68
CA ALA C 24 -13.57 -9.52 10.12
C ALA C 24 -13.38 -8.24 9.31
N GLU C 25 -12.67 -7.28 9.90
CA GLU C 25 -12.43 -6.00 9.24
C GLU C 25 -11.76 -6.18 7.88
N LYS C 26 -11.12 -7.32 7.68
CA LYS C 26 -10.41 -7.61 6.44
C LYS C 26 -11.29 -8.38 5.46
N LYS C 27 -12.53 -8.65 5.87
CA LYS C 27 -13.45 -9.46 5.08
C LYS C 27 -12.75 -10.72 4.58
N MET C 28 -11.76 -11.14 5.35
CA MET C 28 -10.99 -12.34 5.03
C MET C 28 -11.86 -13.59 5.18
N SER C 29 -12.12 -14.27 4.08
CA SER C 29 -12.89 -15.50 4.11
C SER C 29 -12.20 -16.52 5.01
N THR C 30 -12.72 -16.68 6.22
CA THR C 30 -12.12 -17.57 7.19
C THR C 30 -13.18 -18.27 8.04
N ASP C 31 -13.02 -19.58 8.24
CA ASP C 31 -13.96 -20.30 9.08
C ASP C 31 -13.38 -20.53 10.48
N ILE C 32 -14.22 -20.36 11.49
CA ILE C 32 -13.80 -20.44 12.88
C ILE C 32 -14.17 -21.80 13.50
N VAL C 33 -13.17 -22.56 13.90
CA VAL C 33 -13.37 -23.89 14.44
C VAL C 33 -12.95 -24.01 15.91
N GLU C 34 -13.94 -24.24 16.78
CA GLU C 34 -13.69 -24.36 18.22
C GLU C 34 -12.79 -25.56 18.53
N ALA C 35 -11.65 -25.29 19.15
CA ALA C 35 -10.70 -26.34 19.51
C ALA C 35 -11.35 -27.40 20.38
N GLY C 36 -12.19 -26.97 21.31
CA GLY C 36 -12.83 -27.85 22.27
C GLY C 36 -13.65 -28.97 21.66
N ASP C 37 -14.08 -28.77 20.41
CA ASP C 37 -14.91 -29.76 19.70
C ASP C 37 -14.05 -30.64 18.81
N LEU C 38 -12.81 -30.82 19.20
CA LEU C 38 -11.87 -31.62 18.43
C LEU C 38 -11.26 -32.66 19.36
N GLU C 39 -10.74 -33.74 18.77
CA GLU C 39 -10.07 -34.80 19.51
C GLU C 39 -8.69 -34.35 19.98
N PRO C 40 -8.35 -34.69 21.22
CA PRO C 40 -7.10 -34.32 21.90
C PRO C 40 -5.86 -34.82 21.15
N ALA C 41 -6.09 -35.47 20.02
CA ALA C 41 -5.02 -35.88 19.12
C ALA C 41 -4.73 -34.76 18.13
N MET C 42 -5.79 -34.27 17.47
CA MET C 42 -5.67 -33.19 16.50
C MET C 42 -5.14 -31.91 17.15
N ILE C 43 -5.61 -31.65 18.37
CA ILE C 43 -5.26 -30.42 19.08
C ILE C 43 -3.75 -30.24 19.28
N LYS C 44 -3.09 -31.27 19.79
CA LYS C 44 -1.66 -31.21 20.06
C LYS C 44 -0.83 -31.14 18.78
N LYS C 45 -1.45 -31.46 17.66
CA LYS C 45 -0.76 -31.44 16.37
C LYS C 45 -0.62 -30.02 15.83
N ILE C 46 -1.73 -29.32 15.71
CA ILE C 46 -1.76 -27.96 15.19
C ILE C 46 -0.79 -27.05 15.95
N THR C 47 -0.90 -27.07 17.28
CA THR C 47 -0.03 -26.29 18.15
C THR C 47 0.55 -27.16 19.26
N PRO C 48 1.81 -27.57 19.09
CA PRO C 48 2.47 -28.40 20.10
C PRO C 48 2.45 -27.76 21.50
N ASN C 49 2.80 -26.48 21.59
CA ASN C 49 2.90 -25.81 22.89
C ASN C 49 1.58 -25.52 23.60
N GLY C 50 0.47 -25.80 22.92
CA GLY C 50 -0.86 -25.68 23.53
C GLY C 50 -1.43 -24.28 23.57
N VAL C 51 -0.88 -23.39 22.74
CA VAL C 51 -1.28 -21.99 22.75
C VAL C 51 -2.39 -21.73 21.72
N PHE C 52 -3.44 -21.04 22.15
CA PHE C 52 -4.54 -20.69 21.26
C PHE C 52 -4.82 -19.19 21.37
N PRO C 53 -5.25 -18.57 20.26
CA PRO C 53 -5.71 -19.19 19.01
C PRO C 53 -4.61 -19.58 18.03
N VAL C 54 -4.99 -20.37 17.02
CA VAL C 54 -4.08 -20.76 15.96
C VAL C 54 -4.65 -20.38 14.59
N LEU C 55 -3.86 -19.65 13.81
CA LEU C 55 -4.25 -19.26 12.46
C LEU C 55 -3.42 -20.06 11.45
N MET C 56 -4.08 -20.96 10.72
CA MET C 56 -3.38 -21.78 9.74
C MET C 56 -3.80 -21.48 8.31
N GLU C 57 -2.83 -21.55 7.39
CA GLU C 57 -3.07 -21.31 5.99
C GLU C 57 -2.49 -22.42 5.14
N LYS C 58 -2.76 -22.36 3.85
CA LYS C 58 -2.19 -23.29 2.89
C LYS C 58 -0.72 -23.54 3.20
N ASP C 59 0.07 -22.48 3.22
CA ASP C 59 1.53 -22.63 3.27
C ASP C 59 2.19 -22.05 4.53
N TYR C 60 1.49 -22.13 5.67
CA TYR C 60 2.02 -21.54 6.91
C TYR C 60 1.12 -21.76 8.12
N SER C 61 1.58 -21.32 9.29
CA SER C 61 0.85 -21.48 10.54
C SER C 61 1.40 -20.55 11.62
N ILE C 62 0.52 -19.99 12.43
CA ILE C 62 0.93 -18.99 13.43
C ILE C 62 0.09 -19.00 14.72
N ASN C 63 0.74 -18.74 15.85
CA ASN C 63 0.05 -18.77 17.14
C ASN C 63 0.69 -17.84 18.18
N ASN C 64 1.89 -17.35 17.87
CA ASN C 64 2.55 -16.35 18.72
C ASN C 64 1.61 -15.21 19.09
N ARG C 65 1.19 -15.15 20.35
CA ARG C 65 0.23 -14.15 20.78
C ARG C 65 0.67 -12.70 20.53
N LYS C 66 1.97 -12.46 20.56
CA LYS C 66 2.49 -11.10 20.43
C LYS C 66 2.59 -10.63 18.98
N ALA C 67 2.48 -11.55 18.04
CA ALA C 67 2.68 -11.22 16.64
C ALA C 67 1.55 -11.68 15.73
N LEU C 68 0.52 -12.30 16.29
CA LEU C 68 -0.55 -12.84 15.45
C LEU C 68 -1.37 -11.75 14.77
N LEU C 69 -1.70 -10.68 15.49
CA LEU C 69 -2.51 -9.62 14.91
C LEU C 69 -1.73 -8.74 13.95
N ILE C 70 -0.48 -8.42 14.27
CA ILE C 70 0.35 -7.65 13.35
C ILE C 70 0.52 -8.41 12.04
N TYR C 71 0.52 -9.73 12.12
CA TYR C 71 0.64 -10.58 10.95
C TYR C 71 -0.63 -10.54 10.10
N ILE C 72 -1.77 -10.34 10.74
CA ILE C 72 -3.02 -10.20 10.00
C ILE C 72 -3.04 -8.89 9.23
N ASP C 73 -2.63 -7.81 9.89
CA ASP C 73 -2.66 -6.50 9.26
C ASP C 73 -1.57 -6.34 8.21
N GLU C 74 -0.84 -7.42 7.93
CA GLU C 74 0.19 -7.38 6.91
C GLU C 74 -0.05 -8.42 5.83
N ARG C 75 -0.76 -9.48 6.19
CA ARG C 75 -1.10 -10.55 5.25
C ARG C 75 -2.34 -10.18 4.46
N PHE C 76 -3.16 -9.32 5.05
CA PHE C 76 -4.40 -8.85 4.44
C PHE C 76 -4.40 -7.33 4.48
N PRO C 77 -3.49 -6.71 3.70
CA PRO C 77 -3.14 -5.29 3.77
C PRO C 77 -4.34 -4.37 3.94
N ALA C 78 -5.39 -4.59 3.15
CA ALA C 78 -6.55 -3.70 3.19
C ALA C 78 -7.78 -4.37 3.78
N PRO C 79 -8.47 -3.68 4.70
CA PRO C 79 -8.17 -2.30 5.06
C PRO C 79 -7.07 -2.22 6.12
N SER C 80 -6.36 -1.10 6.16
CA SER C 80 -5.27 -0.89 7.10
C SER C 80 -5.76 -0.75 8.54
N LEU C 81 -5.18 -1.53 9.45
CA LEU C 81 -5.55 -1.49 10.86
C LEU C 81 -4.52 -0.74 11.72
N LEU C 82 -3.84 0.22 11.11
CA LEU C 82 -2.96 1.13 11.82
C LEU C 82 -2.96 2.46 11.10
N PRO C 83 -2.74 3.56 11.83
CA PRO C 83 -2.65 4.91 11.27
C PRO C 83 -1.70 4.98 10.07
N ASN C 84 -1.94 5.91 9.15
CA ASN C 84 -1.05 6.10 8.01
C ASN C 84 -0.01 7.19 8.31
N VAL C 85 -0.30 8.01 9.32
CA VAL C 85 0.64 9.01 9.78
C VAL C 85 1.58 8.38 10.79
N VAL C 86 2.87 8.33 10.47
CA VAL C 86 3.85 7.62 11.28
C VAL C 86 3.69 7.87 12.78
N ASN C 87 3.82 9.12 13.20
CA ASN C 87 3.76 9.45 14.61
C ASN C 87 2.60 8.78 15.36
N GLU C 88 1.39 8.81 14.81
CA GLU C 88 0.25 8.21 15.51
C GLU C 88 0.18 6.69 15.32
N ARG C 89 0.97 6.17 14.39
CA ARG C 89 1.17 4.73 14.28
C ARG C 89 2.02 4.33 15.47
N ILE C 90 3.19 4.95 15.58
CA ILE C 90 4.12 4.71 16.67
C ILE C 90 3.43 4.81 18.02
N LYS C 91 2.43 5.66 18.12
CA LYS C 91 1.65 5.80 19.35
C LYS C 91 0.71 4.61 19.54
N ILE C 92 0.25 4.03 18.43
CA ILE C 92 -0.58 2.82 18.50
C ILE C 92 0.29 1.61 18.76
N ARG C 93 1.50 1.62 18.20
CA ARG C 93 2.46 0.54 18.40
C ARG C 93 2.84 0.40 19.87
N LEU C 94 2.82 1.52 20.59
CA LEU C 94 3.12 1.50 22.01
C LEU C 94 1.86 1.21 22.81
N SER C 95 0.71 1.61 22.26
CA SER C 95 -0.59 1.33 22.87
C SER C 95 -0.81 -0.16 23.05
N LEU C 96 -0.39 -0.94 22.06
CA LEU C 96 -0.63 -2.37 22.06
C LEU C 96 0.22 -3.08 23.13
N ASP C 97 1.49 -2.72 23.21
CA ASP C 97 2.40 -3.39 24.13
C ASP C 97 1.94 -3.23 25.57
N LYS C 98 1.52 -2.02 25.94
CA LYS C 98 1.02 -1.79 27.28
C LYS C 98 -0.23 -2.62 27.53
N ILE C 99 -1.16 -2.59 26.58
CA ILE C 99 -2.40 -3.34 26.71
C ILE C 99 -2.13 -4.82 26.90
N ASP C 100 -1.01 -5.28 26.37
CA ASP C 100 -0.66 -6.70 26.45
C ASP C 100 0.16 -7.04 27.70
N ASN C 101 1.03 -6.12 28.12
CA ASN C 101 1.92 -6.37 29.24
C ASN C 101 1.49 -5.69 30.53
N GLU C 102 0.33 -5.04 30.50
CA GLU C 102 -0.14 -4.30 31.67
C GLU C 102 -1.61 -4.56 32.00
N TRP C 103 -2.47 -4.57 30.99
CA TRP C 103 -3.90 -4.70 31.22
C TRP C 103 -4.45 -6.12 31.03
N TYR C 104 -3.79 -6.90 30.17
CA TYR C 104 -4.21 -8.27 29.97
C TYR C 104 -3.86 -9.18 31.15
N PRO C 105 -2.74 -8.91 31.82
CA PRO C 105 -2.39 -9.65 33.03
C PRO C 105 -3.53 -9.61 34.04
N VAL C 106 -4.11 -8.43 34.24
CA VAL C 106 -5.22 -8.24 35.16
C VAL C 106 -6.39 -9.14 34.79
N LEU C 107 -6.61 -9.28 33.49
CA LEU C 107 -7.66 -10.17 33.00
C LEU C 107 -7.40 -11.58 33.48
N ASP C 108 -6.13 -11.97 33.43
CA ASP C 108 -5.73 -13.31 33.86
C ASP C 108 -5.81 -13.47 35.38
N GLN C 109 -5.41 -12.43 36.10
CA GLN C 109 -5.44 -12.46 37.55
C GLN C 109 -6.86 -12.24 38.04
N ILE C 110 -7.78 -12.00 37.11
CA ILE C 110 -9.18 -11.76 37.46
C ILE C 110 -10.00 -13.05 37.42
N ARG C 111 -9.42 -14.09 36.83
CA ARG C 111 -10.09 -15.38 36.74
C ARG C 111 -9.54 -16.33 37.80
N LYS C 112 -8.24 -16.23 38.05
CA LYS C 112 -7.62 -16.99 39.13
C LYS C 112 -8.27 -16.61 40.46
N HIS C 113 -8.59 -15.33 40.60
CA HIS C 113 -9.24 -14.83 41.81
C HIS C 113 -10.73 -14.59 41.58
N ARG C 114 -11.38 -15.53 40.90
CA ARG C 114 -12.81 -15.45 40.69
C ARG C 114 -13.54 -16.02 41.90
N SER C 115 -12.85 -16.92 42.60
CA SER C 115 -13.43 -17.63 43.73
C SER C 115 -13.35 -16.83 45.04
N ASP C 116 -12.32 -15.99 45.17
CA ASP C 116 -12.16 -15.15 46.35
C ASP C 116 -12.76 -13.76 46.11
N GLN C 117 -14.01 -13.59 46.54
CA GLN C 117 -14.75 -12.35 46.29
C GLN C 117 -14.11 -11.13 46.96
N LYS C 118 -13.27 -11.36 47.96
CA LYS C 118 -12.57 -10.28 48.65
C LYS C 118 -11.38 -9.79 47.82
N MET C 119 -10.70 -10.73 47.17
CA MET C 119 -9.60 -10.39 46.28
C MET C 119 -10.14 -9.97 44.92
N LEU C 120 -11.40 -10.31 44.66
CA LEU C 120 -12.04 -9.98 43.40
C LEU C 120 -12.58 -8.55 43.40
N GLU C 121 -13.28 -8.19 44.47
CA GLU C 121 -13.79 -6.82 44.61
C GLU C 121 -12.62 -5.86 44.76
N SER C 122 -11.53 -6.35 45.35
CA SER C 122 -10.32 -5.57 45.50
C SER C 122 -9.79 -5.13 44.14
N MET C 123 -9.76 -6.07 43.20
CA MET C 123 -9.25 -5.79 41.86
C MET C 123 -10.22 -4.92 41.05
N PHE C 124 -11.51 -5.13 41.22
CA PHE C 124 -12.50 -4.32 40.53
C PHE C 124 -12.36 -2.85 40.86
N LYS C 125 -12.15 -2.55 42.15
CA LYS C 125 -12.02 -1.18 42.61
C LYS C 125 -10.70 -0.58 42.15
N ASP C 126 -9.64 -1.36 42.25
CA ASP C 126 -8.34 -0.92 41.77
C ASP C 126 -8.41 -0.67 40.27
N LEU C 127 -8.96 -1.63 39.54
CA LEU C 127 -9.08 -1.53 38.09
C LEU C 127 -9.92 -0.33 37.68
N LYS C 128 -11.01 -0.10 38.40
CA LYS C 128 -11.87 1.05 38.14
C LYS C 128 -11.22 2.36 38.58
N GLU C 129 -10.03 2.26 39.18
CA GLU C 129 -9.26 3.43 39.55
C GLU C 129 -8.26 3.78 38.45
N SER C 130 -7.57 2.77 37.94
CA SER C 130 -6.66 2.97 36.82
C SER C 130 -7.44 3.29 35.54
N LEU C 131 -8.70 2.84 35.49
CA LEU C 131 -9.59 3.12 34.38
C LEU C 131 -10.15 4.54 34.46
N LEU C 132 -10.35 5.02 35.68
CA LEU C 132 -10.90 6.35 35.90
C LEU C 132 -9.87 7.44 35.60
N ALA C 133 -8.61 7.14 35.89
CA ALA C 133 -7.52 8.06 35.62
C ALA C 133 -7.20 8.13 34.13
N MET C 134 -8.04 7.49 33.32
CA MET C 134 -7.83 7.42 31.88
C MET C 134 -8.95 8.09 31.09
N GLU C 135 -9.96 8.58 31.79
CA GLU C 135 -11.15 9.14 31.13
C GLU C 135 -10.80 10.32 30.22
N LYS C 136 -9.82 11.11 30.62
CA LYS C 136 -9.48 12.33 29.90
C LYS C 136 -9.05 12.06 28.45
N ALA C 137 -8.21 11.05 28.26
CA ALA C 137 -7.60 10.77 26.96
C ALA C 137 -8.60 10.27 25.91
N PHE C 138 -9.80 9.91 26.37
CA PHE C 138 -10.81 9.34 25.49
C PHE C 138 -11.73 10.38 24.87
N THR C 139 -11.65 11.62 25.35
CA THR C 139 -12.48 12.69 24.80
C THR C 139 -11.87 13.28 23.54
N GLY C 140 -12.55 13.09 22.42
CA GLY C 140 -12.13 13.71 21.17
C GLY C 140 -11.84 12.74 20.04
N SER C 141 -11.95 11.44 20.31
CA SER C 141 -11.67 10.43 19.28
C SER C 141 -12.79 9.40 19.21
N GLU C 142 -13.35 9.21 18.02
CA GLU C 142 -14.36 8.17 17.84
C GLU C 142 -13.81 6.80 18.27
N PHE C 143 -12.69 6.39 17.69
CA PHE C 143 -12.03 5.20 18.08
C PHE C 143 -10.78 5.49 18.88
N PHE C 144 -10.36 4.53 19.71
CA PHE C 144 -9.21 4.72 20.61
C PHE C 144 -8.04 5.50 19.99
N ILE C 145 -7.67 6.62 20.61
CA ILE C 145 -6.54 7.43 20.19
C ILE C 145 -6.37 7.48 18.67
N SER C 146 -7.45 7.72 17.96
CA SER C 146 -7.41 7.77 16.50
C SER C 146 -8.63 8.43 15.88
N SER C 147 -8.62 8.45 14.54
CA SER C 147 -9.75 8.93 13.77
C SER C 147 -10.44 7.71 13.16
N GLY C 148 -9.64 6.70 12.82
CA GLY C 148 -10.15 5.47 12.25
C GLY C 148 -9.85 4.25 13.10
N PHE C 149 -10.26 3.09 12.61
CA PHE C 149 -10.12 1.85 13.35
C PHE C 149 -8.71 1.30 13.24
N THR C 150 -8.12 0.94 14.38
CA THR C 150 -6.81 0.28 14.41
C THR C 150 -6.87 -1.04 15.15
N LEU C 151 -5.72 -1.67 15.32
CA LEU C 151 -5.63 -2.92 16.07
C LEU C 151 -5.91 -2.68 17.54
N ALA C 152 -5.48 -1.53 18.04
CA ALA C 152 -5.71 -1.16 19.42
C ALA C 152 -7.16 -1.46 19.78
N ASP C 153 -8.07 -1.08 18.90
CA ASP C 153 -9.50 -1.24 19.15
C ASP C 153 -9.92 -2.70 19.13
N CYS C 154 -9.21 -3.52 18.36
CA CYS C 154 -9.47 -4.96 18.37
C CYS C 154 -8.95 -5.53 19.67
N TYR C 155 -7.76 -5.08 20.07
CA TYR C 155 -7.16 -5.44 21.33
C TYR C 155 -8.10 -5.09 22.47
N ILE C 156 -8.88 -4.03 22.28
CA ILE C 156 -9.65 -3.45 23.37
C ILE C 156 -11.12 -3.89 23.43
N ALA C 157 -11.74 -4.06 22.27
CA ALA C 157 -13.10 -4.57 22.24
C ALA C 157 -13.12 -6.03 22.68
N ALA C 158 -11.93 -6.62 22.74
CA ALA C 158 -11.77 -7.99 23.20
C ALA C 158 -11.54 -8.02 24.71
N LEU C 159 -10.82 -7.01 25.20
CA LEU C 159 -10.53 -6.90 26.62
C LEU C 159 -11.74 -6.38 27.39
N ILE C 160 -12.76 -5.96 26.66
CA ILE C 160 -14.01 -5.54 27.28
C ILE C 160 -14.94 -6.73 27.44
N ILE C 161 -15.21 -7.42 26.33
CA ILE C 161 -16.15 -8.54 26.34
C ILE C 161 -15.72 -9.66 27.28
N CYS C 162 -14.43 -9.97 27.30
CA CYS C 162 -13.92 -11.05 28.14
C CYS C 162 -13.85 -10.67 29.62
N LEU C 163 -14.00 -9.38 29.91
CA LEU C 163 -14.10 -8.91 31.28
C LEU C 163 -15.56 -8.82 31.70
N GLU C 164 -16.43 -8.61 30.71
CA GLU C 164 -17.86 -8.57 30.94
C GLU C 164 -18.30 -9.89 31.57
N ALA C 165 -17.65 -10.97 31.16
CA ALA C 165 -18.02 -12.32 31.59
C ALA C 165 -17.55 -12.66 32.98
N GLU C 166 -16.50 -11.99 33.45
CA GLU C 166 -15.96 -12.25 34.78
C GLU C 166 -16.56 -11.28 35.80
N GLY C 167 -17.68 -10.67 35.45
CA GLY C 167 -18.37 -9.76 36.35
C GLY C 167 -18.22 -8.29 36.01
N PHE C 168 -16.98 -7.88 35.74
CA PHE C 168 -16.67 -6.47 35.47
C PHE C 168 -17.47 -5.93 34.28
N ILE C 169 -18.15 -4.81 34.51
CA ILE C 169 -18.95 -4.17 33.47
C ILE C 169 -18.64 -2.68 33.40
N ILE C 170 -19.10 -2.02 32.34
CA ILE C 170 -18.85 -0.58 32.17
C ILE C 170 -20.17 0.20 32.19
N ASP C 171 -20.18 1.30 32.94
CA ASP C 171 -21.40 2.08 33.15
C ASP C 171 -21.28 3.50 32.60
N ASP C 172 -22.30 4.31 32.87
CA ASP C 172 -22.29 5.71 32.48
C ASP C 172 -21.26 6.45 33.33
N GLU C 173 -20.78 5.78 34.37
CA GLU C 173 -19.83 6.36 35.30
C GLU C 173 -18.52 6.77 34.62
N TYR C 174 -18.15 6.05 33.58
CA TYR C 174 -16.86 6.24 32.91
C TYR C 174 -16.91 7.31 31.82
N GLY C 175 -18.10 7.86 31.59
CA GLY C 175 -18.26 8.96 30.65
C GLY C 175 -17.69 8.68 29.27
N ALA C 176 -16.65 9.42 28.90
CA ALA C 176 -16.04 9.30 27.58
C ALA C 176 -15.79 7.85 27.23
N ILE C 177 -15.52 7.03 28.24
CA ILE C 177 -15.30 5.60 28.05
C ILE C 177 -16.58 4.90 27.61
N TYR C 178 -17.66 5.07 28.37
CA TYR C 178 -18.92 4.41 28.06
C TYR C 178 -19.42 4.82 26.67
N GLU C 179 -19.10 6.04 26.27
CA GLU C 179 -19.44 6.52 24.94
C GLU C 179 -18.69 5.70 23.90
N TYR C 180 -17.39 5.53 24.14
CA TYR C 180 -16.54 4.75 23.24
C TYR C 180 -16.98 3.30 23.19
N LYS C 181 -17.27 2.73 24.36
CA LYS C 181 -17.72 1.34 24.46
C LYS C 181 -18.97 1.13 23.60
N LYS C 182 -19.75 2.20 23.42
CA LYS C 182 -20.99 2.12 22.65
C LYS C 182 -20.71 2.11 21.16
N ARG C 183 -19.77 2.94 20.71
CA ARG C 183 -19.37 2.97 19.30
C ARG C 183 -18.53 1.74 18.97
N LEU C 184 -17.71 1.31 19.93
CA LEU C 184 -16.84 0.15 19.75
C LEU C 184 -17.66 -1.12 19.58
N PHE C 185 -18.68 -1.28 20.42
CA PHE C 185 -19.58 -2.42 20.34
C PHE C 185 -20.54 -2.29 19.16
N ALA C 186 -20.83 -1.05 18.78
CA ALA C 186 -21.70 -0.78 17.65
C ALA C 186 -21.14 -1.38 16.37
N ARG C 187 -19.84 -1.20 16.19
CA ARG C 187 -19.16 -1.68 14.99
C ARG C 187 -19.61 -3.07 14.53
N ASP C 188 -19.54 -3.31 13.22
CA ASP C 188 -20.03 -4.54 12.64
C ASP C 188 -19.18 -5.76 12.97
N SER C 189 -17.92 -5.73 12.56
CA SER C 189 -17.02 -6.88 12.72
C SER C 189 -17.02 -7.44 14.14
N VAL C 190 -17.35 -6.60 15.12
CA VAL C 190 -17.37 -7.04 16.51
C VAL C 190 -18.66 -7.77 16.84
N LYS C 191 -19.79 -7.12 16.61
CA LYS C 191 -21.09 -7.74 16.83
C LYS C 191 -21.16 -9.08 16.10
N LYS C 192 -20.29 -9.23 15.11
CA LYS C 192 -20.26 -10.44 14.29
C LYS C 192 -19.57 -11.60 15.00
N ALA C 193 -18.71 -11.28 15.96
CA ALA C 193 -17.99 -12.30 16.71
C ALA C 193 -18.43 -12.30 18.18
N ASN C 194 -19.50 -11.58 18.47
CA ASN C 194 -20.01 -11.49 19.83
C ASN C 194 -21.02 -12.60 20.12
N ILE C 195 -21.56 -13.18 19.05
CA ILE C 195 -22.51 -14.27 19.18
C ILE C 195 -21.84 -15.61 18.90
N ALA D 3 15.61 17.83 18.10
CA ALA D 3 14.97 16.89 17.17
C ALA D 3 14.80 15.52 17.81
N MET D 4 15.50 14.53 17.27
CA MET D 4 15.43 13.16 17.76
C MET D 4 16.56 12.89 18.75
N LEU D 5 16.21 12.34 19.91
CA LEU D 5 17.18 12.16 20.99
C LEU D 5 17.03 10.81 21.69
N LEU D 6 18.12 10.06 21.76
CA LEU D 6 18.07 8.69 22.27
C LEU D 6 18.77 8.53 23.61
N TYR D 7 18.02 8.08 24.62
CA TYR D 7 18.56 7.87 25.95
C TYR D 7 19.32 6.54 26.05
N THR D 8 20.63 6.63 26.21
CA THR D 8 21.49 5.47 26.25
C THR D 8 22.07 5.24 27.65
N LYS D 9 22.46 4.00 27.91
CA LYS D 9 23.29 3.69 29.07
C LYS D 9 24.59 3.09 28.52
N LYS D 10 25.62 3.00 29.36
CA LYS D 10 26.91 2.50 28.90
C LYS D 10 27.02 0.99 29.06
N ASP D 11 27.55 0.33 28.03
CA ASP D 11 27.64 -1.12 28.00
C ASP D 11 26.29 -1.78 28.27
N ASP D 12 25.23 -1.14 27.77
CA ASP D 12 23.90 -1.75 27.78
C ASP D 12 23.60 -2.37 26.43
N ILE D 13 23.31 -3.67 26.45
CA ILE D 13 23.09 -4.44 25.23
C ILE D 13 21.98 -3.84 24.35
N TYR D 14 20.86 -3.42 24.97
CA TYR D 14 19.74 -2.84 24.23
C TYR D 14 20.11 -1.53 23.53
N SER D 15 20.70 -0.61 24.28
CA SER D 15 21.14 0.66 23.72
C SER D 15 22.04 0.45 22.51
N ASP D 16 23.05 -0.41 22.68
CA ASP D 16 24.03 -0.65 21.63
C ASP D 16 23.41 -1.18 20.35
N ILE D 17 22.50 -2.14 20.49
CA ILE D 17 21.76 -2.65 19.36
C ILE D 17 21.09 -1.52 18.58
N VAL D 18 20.32 -0.69 19.29
CA VAL D 18 19.56 0.38 18.67
C VAL D 18 20.43 1.48 18.04
N ARG D 19 21.50 1.86 18.71
CA ARG D 19 22.42 2.87 18.19
C ARG D 19 23.04 2.43 16.87
N MET D 20 23.02 1.13 16.60
CA MET D 20 23.59 0.62 15.37
C MET D 20 22.56 0.70 14.25
N ILE D 21 21.30 0.46 14.59
CA ILE D 21 20.20 0.66 13.65
C ILE D 21 20.25 2.09 13.15
N LEU D 22 20.17 3.04 14.08
CA LEU D 22 20.16 4.45 13.74
C LEU D 22 21.41 4.86 12.97
N LEU D 23 22.52 4.16 13.20
CA LEU D 23 23.76 4.45 12.51
C LEU D 23 23.66 4.03 11.05
N ILE D 24 22.83 3.02 10.80
CA ILE D 24 22.62 2.48 9.46
C ILE D 24 21.50 3.25 8.78
N LYS D 25 20.56 3.73 9.57
CA LYS D 25 19.45 4.52 9.06
C LYS D 25 19.93 5.85 8.51
N GLY D 26 21.03 6.35 9.06
CA GLY D 26 21.54 7.67 8.73
C GLY D 26 20.99 8.68 9.70
N ALA D 27 20.04 8.26 10.51
CA ALA D 27 19.39 9.13 11.47
C ALA D 27 20.39 10.05 12.16
N ASN D 28 20.04 11.32 12.27
CA ASN D 28 20.84 12.29 13.02
C ASN D 28 20.21 12.58 14.37
N ALA D 29 20.37 11.64 15.29
CA ALA D 29 19.84 11.80 16.64
C ALA D 29 20.96 12.06 17.63
N LYS D 30 20.75 13.01 18.52
CA LYS D 30 21.72 13.26 19.57
C LYS D 30 21.62 12.14 20.59
N ILE D 31 22.75 11.50 20.88
CA ILE D 31 22.78 10.38 21.80
C ILE D 31 23.14 10.83 23.21
N VAL D 32 22.44 10.28 24.20
CA VAL D 32 22.56 10.74 25.58
C VAL D 32 22.89 9.61 26.56
N ASP D 33 24.15 9.59 27.00
CA ASP D 33 24.61 8.61 27.98
C ASP D 33 24.13 9.00 29.37
N VAL D 34 23.02 8.41 29.79
CA VAL D 34 22.39 8.76 31.05
C VAL D 34 23.16 8.20 32.25
N SER D 35 24.33 7.63 31.99
CA SER D 35 25.18 7.10 33.06
C SER D 35 26.35 8.05 33.36
N LYS D 36 26.58 9.00 32.47
CA LYS D 36 27.59 10.02 32.70
C LYS D 36 27.07 11.08 33.67
N GLU D 37 27.94 11.50 34.58
CA GLU D 37 27.57 12.46 35.61
C GLU D 37 26.91 13.70 35.02
N GLU D 38 27.54 14.28 34.01
CA GLU D 38 27.10 15.56 33.45
C GLU D 38 25.64 15.56 32.98
N ASN D 39 25.16 14.40 32.55
CA ASN D 39 23.82 14.31 31.98
C ASN D 39 22.72 14.01 33.00
N SER D 40 22.92 14.42 34.25
CA SER D 40 21.93 14.17 35.30
C SER D 40 20.67 14.99 35.05
N LYS D 41 20.79 16.04 34.25
CA LYS D 41 19.64 16.82 33.81
C LYS D 41 18.77 15.97 32.88
N HIS D 42 19.43 15.27 31.97
CA HIS D 42 18.75 14.41 31.01
C HIS D 42 18.08 13.23 31.70
N LEU D 43 18.71 12.73 32.76
CA LEU D 43 18.19 11.59 33.50
C LEU D 43 16.96 11.98 34.32
N GLU D 44 16.93 13.22 34.78
CA GLU D 44 15.77 13.74 35.52
C GLU D 44 14.63 13.97 34.54
N GLU D 45 14.99 14.31 33.30
CA GLU D 45 14.00 14.46 32.23
C GLU D 45 13.46 13.11 31.80
N LEU D 46 14.33 12.09 31.78
CA LEU D 46 13.93 10.75 31.33
C LEU D 46 12.86 10.15 32.25
N ASN D 47 13.15 10.08 33.54
CA ASN D 47 12.19 9.55 34.50
C ASN D 47 10.88 10.30 34.44
N ILE D 48 10.93 11.52 33.89
CA ILE D 48 9.74 12.32 33.69
C ILE D 48 8.87 11.74 32.59
N ILE D 49 9.48 11.48 31.44
CA ILE D 49 8.73 11.13 30.23
C ILE D 49 8.48 9.63 30.05
N THR D 50 9.15 8.80 30.83
CA THR D 50 8.89 7.36 30.82
C THR D 50 8.39 6.90 32.18
N PRO D 51 7.87 5.66 32.24
CA PRO D 51 7.34 5.12 33.50
C PRO D 51 8.46 4.77 34.49
N ASN D 52 9.51 4.12 33.99
CA ASN D 52 10.70 3.84 34.80
C ASN D 52 11.93 4.49 34.20
N GLY D 53 13.10 4.10 34.68
CA GLY D 53 14.34 4.62 34.14
C GLY D 53 14.59 4.03 32.77
N ASN D 54 13.50 3.75 32.06
CA ASN D 54 13.54 3.00 30.81
C ASN D 54 14.72 3.33 29.90
N ILE D 55 15.57 2.33 29.69
CA ILE D 55 16.69 2.41 28.76
C ILE D 55 16.69 1.17 27.88
N PRO D 56 16.83 1.37 26.57
CA PRO D 56 16.92 2.72 26.01
C PRO D 56 15.54 3.32 25.74
N THR D 57 15.52 4.62 25.50
CA THR D 57 14.30 5.35 25.21
C THR D 57 14.50 6.30 24.02
N LEU D 58 13.56 6.29 23.09
CA LEU D 58 13.61 7.17 21.93
C LEU D 58 12.52 8.20 22.04
N SER D 59 12.87 9.47 21.92
CA SER D 59 11.88 10.53 21.98
C SER D 59 12.20 11.73 21.09
N THR D 60 11.31 11.99 20.13
CA THR D 60 11.33 13.23 19.39
C THR D 60 10.44 14.17 20.17
N ASP D 61 10.12 15.32 19.58
CA ASP D 61 9.23 16.25 20.25
C ASP D 61 7.82 15.67 20.36
N ASP D 62 7.56 14.64 19.56
CA ASP D 62 6.21 14.10 19.43
C ASP D 62 5.89 12.95 20.39
N PHE D 63 6.92 12.24 20.84
CA PHE D 63 6.69 11.07 21.67
C PHE D 63 7.95 10.62 22.43
N ALA D 64 7.76 9.64 23.30
CA ALA D 64 8.87 9.03 24.03
C ALA D 64 8.62 7.53 24.17
N VAL D 65 9.38 6.74 23.42
CA VAL D 65 9.08 5.31 23.28
C VAL D 65 10.15 4.39 23.86
N TYR D 66 9.70 3.28 24.43
CA TYR D 66 10.58 2.28 25.03
C TYR D 66 10.09 0.88 24.70
N ARG D 67 10.80 -0.14 25.19
CA ARG D 67 10.67 -1.50 24.69
C ARG D 67 11.55 -1.59 23.45
N LEU D 68 12.02 -2.78 23.11
CA LEU D 68 12.90 -2.91 21.95
C LEU D 68 12.14 -3.17 20.66
N SER D 69 11.03 -3.90 20.76
CA SER D 69 10.24 -4.20 19.58
C SER D 69 9.58 -2.93 19.03
N VAL D 70 8.94 -2.18 19.91
CA VAL D 70 8.29 -0.93 19.52
C VAL D 70 9.31 0.02 18.88
N ILE D 71 10.47 0.18 19.52
CA ILE D 71 11.52 1.05 19.02
C ILE D 71 11.95 0.65 17.61
N ILE D 72 12.30 -0.62 17.42
CA ILE D 72 12.82 -1.09 16.13
C ILE D 72 11.81 -0.91 15.00
N GLU D 73 10.52 -1.06 15.33
CA GLU D 73 9.48 -0.83 14.33
C GLU D 73 9.28 0.67 14.12
N ALA D 74 9.24 1.42 15.23
CA ALA D 74 9.06 2.87 15.14
C ALA D 74 10.22 3.54 14.40
N ILE D 75 11.35 2.85 14.30
CA ILE D 75 12.49 3.39 13.57
C ILE D 75 12.35 3.04 12.10
N GLU D 76 11.54 2.02 11.83
CA GLU D 76 11.27 1.59 10.46
C GLU D 76 10.30 2.57 9.83
N ASP D 77 9.42 3.13 10.66
CA ASP D 77 8.47 4.14 10.22
C ASP D 77 9.19 5.44 9.88
N LEU D 78 10.02 5.91 10.81
CA LEU D 78 10.76 7.15 10.61
C LEU D 78 11.77 7.04 9.46
N TYR D 79 12.69 6.10 9.57
CA TYR D 79 13.72 5.91 8.55
C TYR D 79 13.60 4.57 7.83
N PRO D 80 12.80 4.52 6.76
CA PRO D 80 12.60 3.30 5.98
C PRO D 80 13.85 2.80 5.25
N PHE D 81 14.91 3.60 5.23
CA PHE D 81 16.07 3.28 4.40
C PHE D 81 17.33 3.07 5.21
N PRO D 82 17.87 1.84 5.21
CA PRO D 82 17.27 0.70 4.51
C PRO D 82 16.32 -0.07 5.44
N PRO D 83 15.74 -1.17 4.97
CA PRO D 83 14.81 -1.96 5.77
C PRO D 83 15.54 -3.01 6.62
N MET D 84 15.00 -3.29 7.81
CA MET D 84 15.57 -4.30 8.70
C MET D 84 14.70 -5.56 8.73
N PHE D 85 13.44 -5.42 8.34
CA PHE D 85 12.55 -6.56 8.21
C PHE D 85 12.47 -7.03 6.76
N PRO D 86 12.06 -8.29 6.56
CA PRO D 86 11.84 -8.82 5.21
C PRO D 86 10.55 -8.29 4.59
N VAL D 87 10.28 -8.72 3.36
CA VAL D 87 9.16 -8.19 2.59
C VAL D 87 7.85 -8.93 2.83
N PHE D 88 7.90 -10.26 2.82
CA PHE D 88 6.69 -11.07 2.93
C PHE D 88 6.25 -11.25 4.38
N PRO D 89 4.92 -11.31 4.60
CA PRO D 89 4.33 -11.20 5.94
C PRO D 89 4.73 -12.35 6.84
N LYS D 90 4.87 -13.56 6.30
CA LYS D 90 5.18 -14.71 7.14
C LYS D 90 6.63 -14.69 7.59
N GLN D 91 7.48 -14.03 6.81
CA GLN D 91 8.90 -13.93 7.15
C GLN D 91 9.10 -12.85 8.20
N ARG D 92 8.19 -11.89 8.22
CA ARG D 92 8.21 -10.84 9.22
C ARG D 92 7.73 -11.42 10.54
N ALA D 93 6.54 -12.01 10.51
CA ALA D 93 5.99 -12.66 11.69
C ALA D 93 7.09 -13.47 12.34
N ASN D 94 7.79 -14.27 11.53
CA ASN D 94 8.89 -15.08 12.03
C ASN D 94 10.01 -14.24 12.64
N ALA D 95 10.48 -13.24 11.91
CA ALA D 95 11.53 -12.37 12.42
C ALA D 95 11.16 -11.81 13.78
N ARG D 96 9.87 -11.53 13.96
CA ARG D 96 9.37 -10.98 15.23
C ARG D 96 9.29 -12.06 16.31
N ILE D 97 8.80 -13.23 15.91
CA ILE D 97 8.75 -14.38 16.81
C ILE D 97 10.13 -14.68 17.36
N LEU D 98 11.10 -14.81 16.46
CA LEU D 98 12.48 -15.05 16.83
C LEU D 98 12.96 -13.96 17.78
N LEU D 99 12.96 -12.71 17.31
CA LEU D 99 13.42 -11.58 18.11
C LEU D 99 12.90 -11.66 19.55
N GLU D 100 11.60 -11.92 19.69
CA GLU D 100 11.02 -12.09 21.03
C GLU D 100 11.87 -13.12 21.77
N TYR D 101 12.05 -14.28 21.17
CA TYR D 101 12.85 -15.35 21.76
C TYR D 101 14.26 -14.86 22.13
N VAL D 102 15.01 -14.34 21.16
CA VAL D 102 16.37 -13.80 21.39
C VAL D 102 16.41 -12.76 22.51
N ASN D 103 15.28 -12.11 22.76
CA ASN D 103 15.20 -11.11 23.81
C ASN D 103 14.98 -11.75 25.19
N LYS D 104 14.12 -12.77 25.26
CA LYS D 104 13.89 -13.42 26.54
C LYS D 104 15.01 -14.39 26.94
N THR D 105 15.66 -14.99 25.94
CA THR D 105 16.70 -15.97 26.20
C THR D 105 18.08 -15.35 26.44
N PHE D 106 18.36 -14.24 25.78
CA PHE D 106 19.69 -13.66 25.82
C PHE D 106 19.75 -12.23 26.36
N LEU D 107 19.09 -11.31 25.66
CA LEU D 107 19.15 -9.90 26.02
C LEU D 107 18.77 -9.67 27.49
N GLN D 108 17.61 -10.18 27.89
CA GLN D 108 17.14 -10.00 29.25
C GLN D 108 18.16 -10.52 30.26
N ASN D 109 18.67 -11.74 30.02
CA ASN D 109 19.67 -12.33 30.89
C ASN D 109 20.96 -11.53 30.95
N ILE D 110 21.43 -11.06 29.80
CA ILE D 110 22.67 -10.29 29.75
C ILE D 110 22.68 -9.10 30.73
N ILE D 111 21.56 -8.41 30.88
CA ILE D 111 21.53 -7.27 31.80
C ILE D 111 21.53 -7.72 33.25
N LYS D 112 20.97 -8.90 33.53
CA LYS D 112 21.01 -9.46 34.87
C LYS D 112 22.45 -9.68 35.29
N LEU D 113 23.28 -10.11 34.32
CA LEU D 113 24.68 -10.36 34.57
C LEU D 113 25.46 -9.07 34.80
N GLN D 114 24.80 -7.93 34.68
CA GLN D 114 25.49 -6.64 34.78
C GLN D 114 25.20 -5.92 36.09
N SER D 115 24.41 -6.54 36.95
CA SER D 115 24.06 -5.93 38.23
C SER D 115 24.88 -6.51 39.37
N PRO D 116 25.57 -5.66 40.14
CA PRO D 116 26.26 -6.15 41.33
C PRO D 116 25.23 -6.64 42.35
N ASP D 117 25.62 -7.56 43.22
CA ASP D 117 24.70 -8.18 44.15
C ASP D 117 23.96 -9.32 43.44
N LEU D 118 24.56 -9.83 42.38
CA LEU D 118 24.07 -11.04 41.76
C LEU D 118 24.90 -12.22 42.27
N ASP D 119 24.21 -13.23 42.78
CA ASP D 119 24.84 -14.41 43.35
C ASP D 119 25.69 -15.12 42.30
N GLU D 120 27.00 -15.10 42.48
CA GLU D 120 27.92 -15.72 41.52
C GLU D 120 27.49 -17.16 41.22
N LYS D 121 26.85 -17.80 42.18
CA LYS D 121 26.29 -19.13 41.98
C LYS D 121 25.19 -19.05 40.93
N GLN D 122 24.40 -17.98 41.03
CA GLN D 122 23.27 -17.71 40.15
C GLN D 122 23.72 -17.20 38.78
N ALA D 123 24.71 -16.32 38.77
CA ALA D 123 25.22 -15.72 37.54
C ALA D 123 25.89 -16.77 36.66
N ASN D 124 26.34 -17.85 37.28
CA ASN D 124 26.93 -18.96 36.55
C ASN D 124 25.85 -19.90 36.03
N GLU D 125 24.72 -19.93 36.71
CA GLU D 125 23.57 -20.72 36.28
C GLU D 125 22.92 -20.06 35.08
N ILE D 126 22.99 -18.73 35.02
CA ILE D 126 22.45 -17.97 33.91
C ILE D 126 23.33 -18.17 32.67
N LYS D 127 24.62 -17.85 32.79
CA LYS D 127 25.53 -18.02 31.67
C LYS D 127 25.41 -19.41 31.04
N MET D 128 25.31 -20.42 31.89
CA MET D 128 25.30 -21.81 31.41
C MET D 128 24.07 -22.10 30.57
N LEU D 129 23.00 -21.34 30.80
CA LEU D 129 21.78 -21.47 30.01
C LEU D 129 21.95 -20.79 28.65
N MET D 130 22.52 -19.60 28.65
CA MET D 130 22.80 -18.89 27.40
C MET D 130 23.92 -19.59 26.64
N GLN D 131 24.66 -20.44 27.35
CA GLN D 131 25.71 -21.22 26.71
C GLN D 131 25.09 -22.39 25.98
N ARG D 132 23.93 -22.82 26.46
CA ARG D 132 23.22 -23.96 25.89
C ARG D 132 22.59 -23.62 24.54
N ASP D 133 21.63 -22.70 24.56
CA ASP D 133 20.78 -22.44 23.41
C ASP D 133 21.37 -21.47 22.39
N ILE D 134 22.61 -21.03 22.60
CA ILE D 134 23.18 -20.00 21.73
C ILE D 134 23.46 -20.49 20.31
N ILE D 135 24.43 -21.40 20.15
CA ILE D 135 24.73 -21.95 18.82
C ILE D 135 23.44 -22.48 18.19
N SER D 136 22.59 -23.05 19.03
CA SER D 136 21.27 -23.51 18.60
C SER D 136 20.51 -22.39 17.90
N THR D 137 20.51 -21.21 18.53
CA THR D 137 19.79 -20.05 17.98
C THR D 137 20.50 -19.48 16.77
N TYR D 138 21.76 -19.12 16.90
CA TYR D 138 22.49 -18.56 15.77
C TYR D 138 22.32 -19.41 14.53
N LYS D 139 22.02 -20.70 14.71
CA LYS D 139 21.76 -21.57 13.57
C LYS D 139 20.39 -21.27 12.96
N LYS D 140 19.41 -21.00 13.82
CA LYS D 140 18.10 -20.56 13.37
C LYS D 140 18.20 -19.22 12.67
N ILE D 141 18.74 -18.22 13.36
CA ILE D 141 18.92 -16.90 12.77
C ILE D 141 19.37 -17.00 11.32
N VAL D 142 20.53 -17.60 11.11
CA VAL D 142 21.09 -17.74 9.77
C VAL D 142 20.08 -18.38 8.83
N SER D 143 19.57 -19.54 9.22
CA SER D 143 18.60 -20.28 8.41
C SER D 143 17.47 -19.38 7.87
N GLU D 144 16.96 -18.50 8.73
CA GLU D 144 15.94 -17.54 8.32
C GLU D 144 16.51 -16.53 7.34
N ARG D 145 17.61 -15.89 7.73
CA ARG D 145 18.28 -14.92 6.85
C ARG D 145 18.52 -15.53 5.47
N GLU D 146 18.63 -16.86 5.43
CA GLU D 146 18.92 -17.57 4.19
C GLU D 146 17.63 -17.92 3.45
N VAL D 147 16.63 -18.40 4.18
CA VAL D 147 15.31 -18.61 3.59
C VAL D 147 14.81 -17.32 2.96
N ASN D 148 15.07 -16.20 3.63
CA ASN D 148 14.65 -14.89 3.14
C ASN D 148 15.41 -14.44 1.90
N ALA D 149 16.72 -14.70 1.90
CA ALA D 149 17.57 -14.27 0.79
C ALA D 149 17.12 -14.88 -0.53
N GLU D 150 16.83 -16.18 -0.51
CA GLU D 150 16.42 -16.88 -1.72
C GLU D 150 15.12 -16.32 -2.28
N SER D 151 14.17 -16.08 -1.39
CA SER D 151 12.87 -15.56 -1.79
C SER D 151 12.96 -14.15 -2.28
N ASN D 152 14.16 -13.65 -2.46
CA ASN D 152 14.32 -12.33 -3.03
C ASN D 152 15.77 -11.86 -3.10
N PRO D 153 16.37 -12.00 -4.29
CA PRO D 153 17.73 -11.53 -4.62
C PRO D 153 17.72 -10.09 -5.13
N ASP D 154 16.60 -9.62 -5.66
CA ASP D 154 16.52 -8.25 -6.13
C ASP D 154 16.23 -7.28 -5.00
N ALA D 155 15.65 -7.77 -3.91
CA ALA D 155 15.24 -6.89 -2.81
C ALA D 155 16.41 -6.47 -1.93
N GLN D 156 17.28 -7.42 -1.61
CA GLN D 156 18.50 -7.13 -0.87
C GLN D 156 18.25 -6.36 0.43
N ASN D 157 17.84 -7.07 1.48
CA ASN D 157 17.63 -6.43 2.77
C ASN D 157 18.57 -6.89 3.88
N ILE D 158 18.59 -6.13 4.96
CA ILE D 158 19.47 -6.40 6.09
C ILE D 158 18.72 -7.13 7.20
N ASN D 159 19.29 -8.24 7.66
CA ASN D 159 18.64 -9.04 8.68
C ASN D 159 18.88 -8.54 10.09
N VAL D 160 17.85 -7.96 10.68
CA VAL D 160 17.95 -7.37 12.02
C VAL D 160 18.42 -8.38 13.07
N LEU D 161 17.95 -9.62 12.96
CA LEU D 161 18.33 -10.64 13.91
C LEU D 161 19.79 -11.08 13.77
N THR D 162 20.38 -10.83 12.61
CA THR D 162 21.81 -11.03 12.45
C THR D 162 22.56 -9.91 13.16
N LEU D 163 21.96 -8.72 13.16
CA LEU D 163 22.51 -7.56 13.82
C LEU D 163 22.46 -7.71 15.34
N ILE D 164 21.37 -8.27 15.84
CA ILE D 164 21.21 -8.48 17.27
C ILE D 164 22.10 -9.61 17.80
N ILE D 165 22.23 -10.69 17.05
CA ILE D 165 23.10 -11.79 17.46
C ILE D 165 24.54 -11.33 17.51
N THR D 166 24.87 -10.34 16.66
CA THR D 166 26.19 -9.75 16.67
C THR D 166 26.52 -9.21 18.05
N PHE D 167 25.50 -8.75 18.76
CA PHE D 167 25.70 -8.15 20.07
C PHE D 167 25.64 -9.15 21.23
N VAL D 168 25.05 -10.32 20.98
CA VAL D 168 25.06 -11.36 21.99
C VAL D 168 26.44 -12.00 22.05
N PHE D 169 27.08 -12.15 20.91
CA PHE D 169 28.45 -12.65 20.89
C PHE D 169 29.35 -11.61 21.55
N TYR D 170 29.36 -10.41 20.99
CA TYR D 170 30.12 -9.29 21.54
C TYR D 170 30.01 -9.27 23.06
N TYR D 171 28.82 -9.55 23.58
CA TYR D 171 28.59 -9.51 25.02
C TYR D 171 28.97 -10.80 25.70
N PHE D 172 28.84 -11.91 24.99
CA PHE D 172 29.41 -13.16 25.48
C PHE D 172 30.88 -12.88 25.72
N ILE D 173 31.57 -12.47 24.66
CA ILE D 173 32.99 -12.16 24.74
C ILE D 173 33.29 -11.04 25.72
N LYS D 174 32.29 -10.24 26.06
CA LYS D 174 32.49 -9.18 27.05
C LYS D 174 32.41 -9.74 28.45
N LEU D 175 31.29 -10.39 28.76
CA LEU D 175 31.04 -10.89 30.09
C LEU D 175 31.82 -12.18 30.37
N LYS D 176 32.86 -12.42 29.58
CA LYS D 176 33.66 -13.63 29.73
C LYS D 176 32.77 -14.87 29.75
N ILE D 177 31.95 -15.00 28.72
CA ILE D 177 31.18 -16.22 28.48
C ILE D 177 31.70 -16.88 27.22
N SER D 178 32.21 -18.12 27.35
CA SER D 178 32.74 -18.82 26.19
C SER D 178 31.62 -19.34 25.31
N ILE D 179 31.87 -19.29 24.00
CA ILE D 179 30.87 -19.67 23.03
C ILE D 179 31.14 -21.11 22.59
N PRO D 180 30.31 -22.05 23.07
CA PRO D 180 30.45 -23.50 22.92
C PRO D 180 30.37 -24.04 21.49
N THR D 181 31.41 -23.81 20.70
CA THR D 181 31.54 -24.50 19.44
C THR D 181 33.00 -24.69 19.02
N LYS D 182 33.19 -25.57 18.06
CA LYS D 182 34.50 -25.86 17.52
C LYS D 182 34.41 -25.77 15.99
N ASP D 183 33.22 -25.51 15.48
CA ASP D 183 32.97 -25.36 14.06
C ASP D 183 33.72 -24.15 13.51
N LYS D 184 34.74 -24.41 12.72
CA LYS D 184 35.61 -23.36 12.21
C LYS D 184 34.82 -22.33 11.41
N ASN D 185 33.64 -22.72 10.94
CA ASN D 185 32.82 -21.83 10.13
C ASN D 185 31.98 -20.88 10.97
N ILE D 186 31.28 -21.43 11.96
CA ILE D 186 30.54 -20.60 12.89
C ILE D 186 31.48 -19.57 13.49
N ILE D 187 32.78 -19.86 13.45
CA ILE D 187 33.79 -18.98 14.02
C ILE D 187 34.21 -17.93 13.00
N LYS D 188 34.58 -18.37 11.80
CA LYS D 188 34.95 -17.46 10.73
C LYS D 188 33.86 -16.42 10.56
N GLU D 189 32.62 -16.84 10.76
CA GLU D 189 31.46 -15.96 10.61
C GLU D 189 31.33 -14.96 11.76
N ILE D 190 31.64 -15.40 12.98
CA ILE D 190 31.54 -14.53 14.14
C ILE D 190 32.58 -13.41 14.11
N LYS D 191 33.68 -13.66 13.41
CA LYS D 191 34.72 -12.65 13.22
C LYS D 191 34.24 -11.59 12.24
N GLU D 192 33.43 -12.02 11.27
CA GLU D 192 32.86 -11.12 10.27
C GLU D 192 31.87 -10.18 10.94
N LEU D 193 31.01 -10.73 11.77
CA LEU D 193 29.98 -9.98 12.47
C LEU D 193 30.57 -8.91 13.38
N LEU D 194 31.72 -9.20 13.96
CA LEU D 194 32.30 -8.33 14.98
C LEU D 194 33.33 -7.37 14.40
N SER D 195 33.82 -7.66 13.21
CA SER D 195 34.74 -6.76 12.53
C SER D 195 34.00 -6.03 11.41
N GLU D 196 32.68 -6.02 11.48
CA GLU D 196 31.87 -5.31 10.50
C GLU D 196 31.81 -3.83 10.85
N PRO D 197 32.10 -2.98 9.85
CA PRO D 197 32.36 -1.53 9.96
C PRO D 197 31.33 -0.72 10.75
N ASN D 198 30.06 -1.06 10.62
CA ASN D 198 29.03 -0.33 11.35
C ASN D 198 28.88 -0.80 12.79
N PHE D 199 29.43 -1.98 13.08
CA PHE D 199 29.47 -2.51 14.44
C PHE D 199 30.58 -1.84 15.21
N ILE D 200 31.74 -1.72 14.58
CA ILE D 200 32.89 -1.10 15.23
C ILE D 200 32.71 0.40 15.40
N LYS D 201 32.02 1.04 14.44
CA LYS D 201 31.67 2.44 14.56
C LYS D 201 30.68 2.64 15.69
N THR D 202 30.18 1.53 16.25
CA THR D 202 29.22 1.58 17.33
C THR D 202 29.88 1.50 18.70
N ILE D 203 30.71 0.48 18.92
CA ILE D 203 31.31 0.26 20.24
C ILE D 203 32.59 1.08 20.50
N LYS D 204 33.23 1.55 19.43
CA LYS D 204 34.46 2.33 19.57
C LYS D 204 34.28 3.49 20.56
N LYS E 1 9.35 25.76 27.94
CA LYS E 1 7.10 23.81 27.14
C LYS E 1 7.36 22.42 27.77
N ARG E 2 6.34 21.59 27.79
CA ARG E 2 6.49 20.27 28.33
C ARG E 2 5.87 19.29 27.37
N ASN E 3 6.36 18.07 27.42
CA ASN E 3 5.75 17.05 26.58
C ASN E 3 5.33 15.91 27.46
N VAL E 4 4.11 15.97 27.96
CA VAL E 4 3.62 15.02 28.98
C VAL E 4 3.00 13.79 28.28
N PHE E 5 2.74 12.69 29.00
CA PHE E 5 2.36 11.50 28.24
C PHE E 5 0.92 10.99 28.23
N SER E 6 0.60 10.30 27.12
CA SER E 6 -0.60 9.48 26.89
C SER E 6 -0.05 8.06 27.01
N ARG E 7 -0.63 7.24 27.89
CA ARG E 7 -0.01 5.97 28.26
C ARG E 7 -0.90 5.22 29.26
N CYS E 8 -0.58 3.96 29.52
CA CYS E 8 -1.50 3.14 30.29
C CYS E 8 -1.20 2.99 31.80
N TRP E 9 -2.15 3.44 32.60
CA TRP E 9 -2.06 3.32 34.05
C TRP E 9 -2.35 1.87 34.44
N ILE E 10 -1.78 1.46 35.57
CA ILE E 10 -1.99 0.14 36.18
C ILE E 10 -1.65 0.27 37.65
N ASN E 11 -2.55 -0.14 38.52
CA ASN E 11 -2.27 -0.10 39.96
C ASN E 11 -0.97 -0.82 40.38
N MET E 12 -0.26 -0.26 41.36
CA MET E 12 0.96 -0.90 41.86
C MET E 12 0.54 -2.18 42.55
N ASN E 13 -0.64 -2.08 43.17
CA ASN E 13 -1.40 -3.21 43.72
C ASN E 13 -1.97 -4.05 42.60
N LEU E 14 -2.01 -3.46 41.40
CA LEU E 14 -2.31 -4.19 40.18
C LEU E 14 -1.12 -5.02 39.72
N TYR E 15 0.05 -4.39 39.58
CA TYR E 15 1.25 -5.09 39.10
C TYR E 15 1.82 -6.09 40.11
N SER E 16 1.81 -5.74 41.39
CA SER E 16 2.19 -6.68 42.44
C SER E 16 1.38 -7.96 42.22
N VAL E 17 0.10 -7.77 41.91
CA VAL E 17 -0.82 -8.85 41.59
C VAL E 17 -0.56 -9.37 40.16
N ILE E 18 -0.36 -8.43 39.23
CA ILE E 18 -0.10 -8.73 37.82
C ILE E 18 1.28 -9.38 37.60
N LYS E 19 2.28 -8.84 38.30
CA LYS E 19 3.67 -9.33 38.23
C LYS E 19 3.86 -10.62 39.02
#